data_2HSL
# 
_entry.id   2HSL 
# 
_audit_conform.dict_name       mmcif_pdbx.dic 
_audit_conform.dict_version    5.391 
_audit_conform.dict_location   http://mmcif.pdb.org/dictionaries/ascii/mmcif_pdbx.dic 
# 
loop_
_database_2.database_id 
_database_2.database_code 
_database_2.pdbx_database_accession 
_database_2.pdbx_DOI 
PDB   2HSL         pdb_00002hsl 10.2210/pdb2hsl/pdb 
RCSB  RCSB038711   ?            ?                   
WWPDB D_1000038711 ?            ?                   
# 
loop_
_pdbx_audit_revision_history.ordinal 
_pdbx_audit_revision_history.data_content_type 
_pdbx_audit_revision_history.major_revision 
_pdbx_audit_revision_history.minor_revision 
_pdbx_audit_revision_history.revision_date 
1 'Structure model' 1 0 2007-05-29 
2 'Structure model' 1 1 2008-04-01 
3 'Structure model' 1 2 2011-07-13 
4 'Structure model' 1 3 2018-08-08 
5 'Structure model' 1 4 2024-05-01 
# 
_pdbx_audit_revision_details.ordinal             1 
_pdbx_audit_revision_details.revision_ordinal    1 
_pdbx_audit_revision_details.data_content_type   'Structure model' 
_pdbx_audit_revision_details.provider            repository 
_pdbx_audit_revision_details.type                'Initial release' 
_pdbx_audit_revision_details.description         ? 
_pdbx_audit_revision_details.details             ? 
# 
loop_
_pdbx_audit_revision_group.ordinal 
_pdbx_audit_revision_group.revision_ordinal 
_pdbx_audit_revision_group.data_content_type 
_pdbx_audit_revision_group.group 
1  2 'Structure model' 'Version format compliance' 
2  3 'Structure model' 'Version format compliance' 
3  4 'Structure model' 'Data collection'           
4  4 'Structure model' 'Derived calculations'      
5  4 'Structure model' 'Experimental preparation'  
6  4 'Structure model' 'Refinement description'    
7  4 'Structure model' 'Source and taxonomy'       
8  5 'Structure model' 'Data collection'           
9  5 'Structure model' 'Database references'       
10 5 'Structure model' 'Derived calculations'      
# 
loop_
_pdbx_audit_revision_category.ordinal 
_pdbx_audit_revision_category.revision_ordinal 
_pdbx_audit_revision_category.data_content_type 
_pdbx_audit_revision_category.category 
1  4 'Structure model' ndb_struct_conf_na               
2  4 'Structure model' pdbx_entity_src_syn              
3  4 'Structure model' pdbx_nmr_ensemble                
4  4 'Structure model' pdbx_nmr_exptl_sample            
5  4 'Structure model' pdbx_nmr_exptl_sample_conditions 
6  4 'Structure model' pdbx_nmr_refine                  
7  4 'Structure model' pdbx_nmr_sample_details          
8  4 'Structure model' pdbx_nmr_software                
9  4 'Structure model' pdbx_nmr_spectrometer            
10 4 'Structure model' pdbx_struct_assembly             
11 4 'Structure model' pdbx_struct_assembly_prop        
12 4 'Structure model' pdbx_struct_oper_list            
13 5 'Structure model' chem_comp_atom                   
14 5 'Structure model' chem_comp_bond                   
15 5 'Structure model' database_2                       
16 5 'Structure model' pdbx_nmr_software                
17 5 'Structure model' struct_conn                      
# 
loop_
_pdbx_audit_revision_item.ordinal 
_pdbx_audit_revision_item.revision_ordinal 
_pdbx_audit_revision_item.data_content_type 
_pdbx_audit_revision_item.item 
1  4 'Structure model' '_pdbx_nmr_ensemble.conformer_selection_criteria'        
2  4 'Structure model' '_pdbx_nmr_ensemble.conformers_calculated_total_number'  
3  4 'Structure model' '_pdbx_nmr_exptl_sample_conditions.ionic_strength_units' 
4  4 'Structure model' '_pdbx_nmr_exptl_sample_conditions.label'                
5  4 'Structure model' '_pdbx_nmr_exptl_sample_conditions.pH_units'             
6  4 'Structure model' '_pdbx_nmr_refine.software_ordinal'                      
7  4 'Structure model' '_pdbx_nmr_sample_details.contents'                      
8  4 'Structure model' '_pdbx_nmr_sample_details.label'                         
9  4 'Structure model' '_pdbx_nmr_sample_details.solvent_system'                
10 4 'Structure model' '_pdbx_nmr_sample_details.type'                          
11 4 'Structure model' '_pdbx_nmr_software.classification'                      
12 4 'Structure model' '_pdbx_nmr_spectrometer.manufacturer'                    
13 5 'Structure model' '_database_2.pdbx_DOI'                                   
14 5 'Structure model' '_database_2.pdbx_database_accession'                    
15 5 'Structure model' '_pdbx_nmr_software.name'                                
16 5 'Structure model' '_struct_conn.pdbx_leaving_atom_flag'                    
# 
_pdbx_database_status.status_code                     REL 
_pdbx_database_status.entry_id                        2HSL 
_pdbx_database_status.recvd_initial_deposition_date   2006-07-22 
_pdbx_database_status.deposit_site                    RCSB 
_pdbx_database_status.process_site                    RCSB 
_pdbx_database_status.status_code_sf                  ? 
_pdbx_database_status.status_code_mr                  REL 
_pdbx_database_status.SG_entry                        ? 
_pdbx_database_status.pdb_format_compatible           Y 
_pdbx_database_status.status_code_cs                  ? 
_pdbx_database_status.methods_development_category    ? 
_pdbx_database_status.status_code_nmr_data            ? 
# 
loop_
_pdbx_database_related.db_name 
_pdbx_database_related.db_id 
_pdbx_database_related.details 
_pdbx_database_related.content_type 
PDB 2HSK . unspecified 
PDB 2HOU . unspecified 
PDB 2HPX . unspecified 
PDB 2HSR . unspecified 
PDB 2HSS . unspecified 
# 
loop_
_audit_author.name 
_audit_author.pdbx_ordinal 
'Chen, J.'        1 
'Dupradeau, F.Y.' 2 
'Case, D.A.'      3 
'Turner, C.J.'    4 
'Stubbe, J.'      5 
# 
_citation.id                        primary 
_citation.title                     
;Nuclear magnetic resonance structural studies and molecular modeling of duplex DNA containing normal and 4'-oxidized abasic sites.
;
_citation.journal_abbrev            Biochemistry 
_citation.journal_volume            46 
_citation.page_first                3096 
_citation.page_last                 3107 
_citation.year                      2007 
_citation.journal_id_ASTM           BICHAW 
_citation.country                   US 
_citation.journal_id_ISSN           0006-2960 
_citation.journal_id_CSD            0033 
_citation.book_publisher            ? 
_citation.pdbx_database_id_PubMed   17323932 
_citation.pdbx_database_id_DOI      10.1021/bi6024269 
# 
loop_
_citation_author.citation_id 
_citation_author.name 
_citation_author.ordinal 
_citation_author.identifier_ORCID 
primary 'Chen, J.'        1 ? 
primary 'Dupradeau, F.Y.' 2 ? 
primary 'Case, D.A.'      3 ? 
primary 'Turner, C.J.'    4 ? 
primary 'Stubbe, J.'      5 ? 
# 
loop_
_entity.id 
_entity.type 
_entity.src_method 
_entity.pdbx_description 
_entity.formula_weight 
_entity.pdbx_number_of_molecules 
_entity.pdbx_ec 
_entity.pdbx_mutation 
_entity.pdbx_fragment 
_entity.details 
1 polymer syn "5'-D(*CP*CP*AP*AP*AP*GP*(D1P)P*AP*CP*CP*GP*GP*G)-3'" 3877.515 1 ? ? ? ? 
2 polymer syn "5'-D(*CP*CP*CP*GP*GP*TP*AP*CP*TP*TP*TP*GP*G)-3'"     3958.571 1 ? ? ? ? 
# 
loop_
_entity_poly.entity_id 
_entity_poly.type 
_entity_poly.nstd_linkage 
_entity_poly.nstd_monomer 
_entity_poly.pdbx_seq_one_letter_code 
_entity_poly.pdbx_seq_one_letter_code_can 
_entity_poly.pdbx_strand_id 
_entity_poly.pdbx_target_identifier 
1 polydeoxyribonucleotide no yes '(DC)(DC)(DA)(DA)(DA)(DG)(ORP)(DA)(DC)(DC)(DG)(DG)(DG)' CCAAAGXACCGGG A ? 
2 polydeoxyribonucleotide no no  '(DC)(DC)(DC)(DG)(DG)(DT)(DA)(DC)(DT)(DT)(DT)(DG)(DG)'  CCCGGTACTTTGG B ? 
# 
loop_
_entity_poly_seq.entity_id 
_entity_poly_seq.num 
_entity_poly_seq.mon_id 
_entity_poly_seq.hetero 
1 1  DC  n 
1 2  DC  n 
1 3  DA  n 
1 4  DA  n 
1 5  DA  n 
1 6  DG  n 
1 7  ORP n 
1 8  DA  n 
1 9  DC  n 
1 10 DC  n 
1 11 DG  n 
1 12 DG  n 
1 13 DG  n 
2 1  DC  n 
2 2  DC  n 
2 3  DC  n 
2 4  DG  n 
2 5  DG  n 
2 6  DT  n 
2 7  DA  n 
2 8  DC  n 
2 9  DT  n 
2 10 DT  n 
2 11 DT  n 
2 12 DG  n 
2 13 DG  n 
# 
loop_
_pdbx_entity_src_syn.entity_id 
_pdbx_entity_src_syn.pdbx_src_id 
_pdbx_entity_src_syn.pdbx_alt_source_flag 
_pdbx_entity_src_syn.pdbx_beg_seq_num 
_pdbx_entity_src_syn.pdbx_end_seq_num 
_pdbx_entity_src_syn.organism_scientific 
_pdbx_entity_src_syn.organism_common_name 
_pdbx_entity_src_syn.ncbi_taxonomy_id 
_pdbx_entity_src_syn.details 
1 1 sample ? ? 'synthetic construct' ? 32630 ? 
2 1 sample ? ? 'synthetic construct' ? 32630 ? 
# 
loop_
_chem_comp.id 
_chem_comp.type 
_chem_comp.mon_nstd_flag 
_chem_comp.name 
_chem_comp.pdbx_synonyms 
_chem_comp.formula 
_chem_comp.formula_weight 
DA  'DNA linking' y "2'-DEOXYADENOSINE-5'-MONOPHOSPHATE" ? 'C10 H14 N5 O6 P' 331.222 
DC  'DNA linking' y "2'-DEOXYCYTIDINE-5'-MONOPHOSPHATE"  ? 'C9 H14 N3 O7 P'  307.197 
DG  'DNA linking' y "2'-DEOXYGUANOSINE-5'-MONOPHOSPHATE" ? 'C10 H14 N5 O7 P' 347.221 
DT  'DNA linking' y "THYMIDINE-5'-MONOPHOSPHATE"         ? 'C10 H15 N2 O8 P' 322.208 
ORP saccharide    . 2-DEOXY-5-PHOSPHONO-RIBOSE           ? 'C5 H11 O7 P'     214.110 
# 
loop_
_pdbx_poly_seq_scheme.asym_id 
_pdbx_poly_seq_scheme.entity_id 
_pdbx_poly_seq_scheme.seq_id 
_pdbx_poly_seq_scheme.mon_id 
_pdbx_poly_seq_scheme.ndb_seq_num 
_pdbx_poly_seq_scheme.pdb_seq_num 
_pdbx_poly_seq_scheme.auth_seq_num 
_pdbx_poly_seq_scheme.pdb_mon_id 
_pdbx_poly_seq_scheme.auth_mon_id 
_pdbx_poly_seq_scheme.pdb_strand_id 
_pdbx_poly_seq_scheme.pdb_ins_code 
_pdbx_poly_seq_scheme.hetero 
A 1 1  DC  1  1  1  DC  DC5 A . n 
A 1 2  DC  2  2  2  DC  DC  A . n 
A 1 3  DA  3  3  3  DA  DA  A . n 
A 1 4  DA  4  4  4  DA  DA  A . n 
A 1 5  DA  5  5  5  DA  DA  A . n 
A 1 6  DG  6  6  6  DG  DG  A . n 
A 1 7  ORP 7  7  7  ORP ABA A . n 
A 1 8  DA  8  8  8  DA  DA  A . n 
A 1 9  DC  9  9  9  DC  DC  A . n 
A 1 10 DC  10 10 10 DC  DC  A . n 
A 1 11 DG  11 11 11 DG  DG  A . n 
A 1 12 DG  12 12 12 DG  DG  A . n 
A 1 13 DG  13 13 13 DG  DG3 A . n 
B 2 1  DC  1  14 14 DC  DC5 B . n 
B 2 2  DC  2  15 15 DC  DC  B . n 
B 2 3  DC  3  16 16 DC  DC  B . n 
B 2 4  DG  4  17 17 DG  DG  B . n 
B 2 5  DG  5  18 18 DG  DG  B . n 
B 2 6  DT  6  19 19 DT  DT  B . n 
B 2 7  DA  7  20 20 DA  DA  B . n 
B 2 8  DC  8  21 21 DC  DC  B . n 
B 2 9  DT  9  22 22 DT  DT  B . n 
B 2 10 DT  10 23 23 DT  DT  B . n 
B 2 11 DT  11 24 24 DT  DT  B . n 
B 2 12 DG  12 25 25 DG  DG  B . n 
B 2 13 DG  13 26 26 DG  DG3 B . n 
# 
_exptl.entry_id          2HSL 
_exptl.method            'SOLUTION NMR' 
_exptl.crystals_number   ? 
# 
_exptl_crystal.id                    1 
_exptl_crystal.density_meas          ? 
_exptl_crystal.density_Matthews      ? 
_exptl_crystal.density_percent_sol   ? 
_exptl_crystal.description           ? 
# 
_diffrn.id                     1 
_diffrn.ambient_temp           ? 
_diffrn.ambient_temp_details   ? 
_diffrn.crystal_id             1 
# 
_diffrn_radiation.diffrn_id                        1 
_diffrn_radiation.wavelength_id                    1 
_diffrn_radiation.monochromator                    ? 
_diffrn_radiation.pdbx_monochromatic_or_laue_m_l   M 
_diffrn_radiation.pdbx_diffrn_protocol             'SINGLE WAVELENGTH' 
_diffrn_radiation.pdbx_scattering_type             ? 
# 
_diffrn_radiation_wavelength.id           1 
_diffrn_radiation_wavelength.wavelength   . 
_diffrn_radiation_wavelength.wt           1.0 
# 
_struct.entry_id                  2HSL 
_struct.title                     'NMR structure of 13mer duplex DNA containing an abasic site, averaged structure (alpha anomer)' 
_struct.pdbx_model_details        ? 
_struct.pdbx_CASP_flag            ? 
_struct.pdbx_model_type_details   'minimized average' 
# 
_struct_keywords.entry_id        2HSL 
_struct_keywords.pdbx_keywords   DNA 
_struct_keywords.text            'abasic site, DNA lesion, base excision repair, Ape1, DNA' 
# 
loop_
_struct_asym.id 
_struct_asym.pdbx_blank_PDB_chainid_flag 
_struct_asym.pdbx_modified 
_struct_asym.entity_id 
_struct_asym.details 
A N N 1 ? 
B N N 2 ? 
# 
loop_
_struct_ref.id 
_struct_ref.entity_id 
_struct_ref.db_name 
_struct_ref.db_code 
_struct_ref.pdbx_db_accession 
_struct_ref.pdbx_db_isoform 
_struct_ref.pdbx_seq_one_letter_code 
_struct_ref.pdbx_align_begin 
1 1 PDB 2HSL 2HSL ? ? ? 
2 2 PDB 2HSL 2HSL ? ? ? 
# 
loop_
_struct_ref_seq.align_id 
_struct_ref_seq.ref_id 
_struct_ref_seq.pdbx_PDB_id_code 
_struct_ref_seq.pdbx_strand_id 
_struct_ref_seq.seq_align_beg 
_struct_ref_seq.pdbx_seq_align_beg_ins_code 
_struct_ref_seq.seq_align_end 
_struct_ref_seq.pdbx_seq_align_end_ins_code 
_struct_ref_seq.pdbx_db_accession 
_struct_ref_seq.db_align_beg 
_struct_ref_seq.pdbx_db_align_beg_ins_code 
_struct_ref_seq.db_align_end 
_struct_ref_seq.pdbx_db_align_end_ins_code 
_struct_ref_seq.pdbx_auth_seq_align_beg 
_struct_ref_seq.pdbx_auth_seq_align_end 
1 1 2HSL A 1 ? 13 ? 2HSL 1  ? 13 ? 1  13 
2 2 2HSL B 1 ? 13 ? 2HSL 14 ? 26 ? 14 26 
# 
_pdbx_struct_assembly.id                   1 
_pdbx_struct_assembly.details              author_defined_assembly 
_pdbx_struct_assembly.method_details       ? 
_pdbx_struct_assembly.oligomeric_details   dimeric 
_pdbx_struct_assembly.oligomeric_count     2 
# 
loop_
_pdbx_struct_assembly_prop.biol_id 
_pdbx_struct_assembly_prop.type 
_pdbx_struct_assembly_prop.value 
_pdbx_struct_assembly_prop.details 
1 'ABSA (A^2)' 1570 ? 
1 MORE         -2   ? 
1 'SSA (A^2)'  5250 ? 
# 
_pdbx_struct_assembly_gen.assembly_id       1 
_pdbx_struct_assembly_gen.oper_expression   1 
_pdbx_struct_assembly_gen.asym_id_list      A,B 
# 
_pdbx_struct_oper_list.id                   1 
_pdbx_struct_oper_list.type                 'identity operation' 
_pdbx_struct_oper_list.name                 1_555 
_pdbx_struct_oper_list.symmetry_operation   ? 
_pdbx_struct_oper_list.matrix[1][1]         1.0000000000 
_pdbx_struct_oper_list.matrix[1][2]         0.0000000000 
_pdbx_struct_oper_list.matrix[1][3]         0.0000000000 
_pdbx_struct_oper_list.vector[1]            0.0000000000 
_pdbx_struct_oper_list.matrix[2][1]         0.0000000000 
_pdbx_struct_oper_list.matrix[2][2]         1.0000000000 
_pdbx_struct_oper_list.matrix[2][3]         0.0000000000 
_pdbx_struct_oper_list.vector[2]            0.0000000000 
_pdbx_struct_oper_list.matrix[3][1]         0.0000000000 
_pdbx_struct_oper_list.matrix[3][2]         0.0000000000 
_pdbx_struct_oper_list.matrix[3][3]         1.0000000000 
_pdbx_struct_oper_list.vector[3]            0.0000000000 
# 
loop_
_struct_conn.id 
_struct_conn.conn_type_id 
_struct_conn.pdbx_leaving_atom_flag 
_struct_conn.pdbx_PDB_id 
_struct_conn.ptnr1_label_asym_id 
_struct_conn.ptnr1_label_comp_id 
_struct_conn.ptnr1_label_seq_id 
_struct_conn.ptnr1_label_atom_id 
_struct_conn.pdbx_ptnr1_label_alt_id 
_struct_conn.pdbx_ptnr1_PDB_ins_code 
_struct_conn.pdbx_ptnr1_standard_comp_id 
_struct_conn.ptnr1_symmetry 
_struct_conn.ptnr2_label_asym_id 
_struct_conn.ptnr2_label_comp_id 
_struct_conn.ptnr2_label_seq_id 
_struct_conn.ptnr2_label_atom_id 
_struct_conn.pdbx_ptnr2_label_alt_id 
_struct_conn.pdbx_ptnr2_PDB_ins_code 
_struct_conn.ptnr1_auth_asym_id 
_struct_conn.ptnr1_auth_comp_id 
_struct_conn.ptnr1_auth_seq_id 
_struct_conn.ptnr2_auth_asym_id 
_struct_conn.ptnr2_auth_comp_id 
_struct_conn.ptnr2_auth_seq_id 
_struct_conn.ptnr2_symmetry 
_struct_conn.pdbx_ptnr3_label_atom_id 
_struct_conn.pdbx_ptnr3_label_seq_id 
_struct_conn.pdbx_ptnr3_label_comp_id 
_struct_conn.pdbx_ptnr3_label_asym_id 
_struct_conn.pdbx_ptnr3_label_alt_id 
_struct_conn.pdbx_ptnr3_PDB_ins_code 
_struct_conn.details 
_struct_conn.pdbx_dist_value 
_struct_conn.pdbx_value_order 
_struct_conn.pdbx_role 
covale1  covale both ? A DG  6  "O3'" ? ? ? 1_555 A ORP 7  P  ? ? A DG  6  A ORP 7  1_555 ? ? ? ? ? ? ?            1.596 ? ? 
covale2  covale one  ? A ORP 7  O3    ? ? ? 1_555 A DA  8  P  ? ? A ORP 7  A DA  8  1_555 ? ? ? ? ? ? ?            1.596 ? ? 
hydrog1  hydrog ?    ? A DC  1  N3    ? ? ? 1_555 B DG  13 N1 ? ? A DC  1  B DG  26 1_555 ? ? ? ? ? ? WATSON-CRICK ?     ? ? 
hydrog2  hydrog ?    ? A DC  1  N4    ? ? ? 1_555 B DG  13 O6 ? ? A DC  1  B DG  26 1_555 ? ? ? ? ? ? WATSON-CRICK ?     ? ? 
hydrog3  hydrog ?    ? A DC  1  O2    ? ? ? 1_555 B DG  13 N2 ? ? A DC  1  B DG  26 1_555 ? ? ? ? ? ? WATSON-CRICK ?     ? ? 
hydrog4  hydrog ?    ? A DC  2  N3    ? ? ? 1_555 B DG  12 N1 ? ? A DC  2  B DG  25 1_555 ? ? ? ? ? ? WATSON-CRICK ?     ? ? 
hydrog5  hydrog ?    ? A DC  2  N4    ? ? ? 1_555 B DG  12 O6 ? ? A DC  2  B DG  25 1_555 ? ? ? ? ? ? WATSON-CRICK ?     ? ? 
hydrog6  hydrog ?    ? A DC  2  O2    ? ? ? 1_555 B DG  12 N2 ? ? A DC  2  B DG  25 1_555 ? ? ? ? ? ? WATSON-CRICK ?     ? ? 
hydrog7  hydrog ?    ? A DA  3  N1    ? ? ? 1_555 B DT  11 N3 ? ? A DA  3  B DT  24 1_555 ? ? ? ? ? ? WATSON-CRICK ?     ? ? 
hydrog8  hydrog ?    ? A DA  3  N6    ? ? ? 1_555 B DT  11 O4 ? ? A DA  3  B DT  24 1_555 ? ? ? ? ? ? WATSON-CRICK ?     ? ? 
hydrog9  hydrog ?    ? A DA  4  N1    ? ? ? 1_555 B DT  10 N3 ? ? A DA  4  B DT  23 1_555 ? ? ? ? ? ? WATSON-CRICK ?     ? ? 
hydrog10 hydrog ?    ? A DA  4  N6    ? ? ? 1_555 B DT  10 O4 ? ? A DA  4  B DT  23 1_555 ? ? ? ? ? ? WATSON-CRICK ?     ? ? 
hydrog11 hydrog ?    ? A DA  5  N1    ? ? ? 1_555 B DT  9  N3 ? ? A DA  5  B DT  22 1_555 ? ? ? ? ? ? WATSON-CRICK ?     ? ? 
hydrog12 hydrog ?    ? A DA  5  N6    ? ? ? 1_555 B DT  9  O4 ? ? A DA  5  B DT  22 1_555 ? ? ? ? ? ? WATSON-CRICK ?     ? ? 
hydrog13 hydrog ?    ? A DG  6  N1    ? ? ? 1_555 B DC  8  N3 ? ? A DG  6  B DC  21 1_555 ? ? ? ? ? ? WATSON-CRICK ?     ? ? 
hydrog14 hydrog ?    ? A DG  6  N2    ? ? ? 1_555 B DC  8  O2 ? ? A DG  6  B DC  21 1_555 ? ? ? ? ? ? WATSON-CRICK ?     ? ? 
hydrog15 hydrog ?    ? A DG  6  O6    ? ? ? 1_555 B DC  8  N4 ? ? A DG  6  B DC  21 1_555 ? ? ? ? ? ? WATSON-CRICK ?     ? ? 
hydrog16 hydrog ?    ? A DA  8  N1    ? ? ? 1_555 B DT  6  N3 ? ? A DA  8  B DT  19 1_555 ? ? ? ? ? ? WATSON-CRICK ?     ? ? 
hydrog17 hydrog ?    ? A DA  8  N6    ? ? ? 1_555 B DT  6  O4 ? ? A DA  8  B DT  19 1_555 ? ? ? ? ? ? WATSON-CRICK ?     ? ? 
hydrog18 hydrog ?    ? A DC  9  N3    ? ? ? 1_555 B DG  5  N1 ? ? A DC  9  B DG  18 1_555 ? ? ? ? ? ? WATSON-CRICK ?     ? ? 
hydrog19 hydrog ?    ? A DC  9  N4    ? ? ? 1_555 B DG  5  O6 ? ? A DC  9  B DG  18 1_555 ? ? ? ? ? ? WATSON-CRICK ?     ? ? 
hydrog20 hydrog ?    ? A DC  9  O2    ? ? ? 1_555 B DG  5  N2 ? ? A DC  9  B DG  18 1_555 ? ? ? ? ? ? WATSON-CRICK ?     ? ? 
hydrog21 hydrog ?    ? A DC  10 N3    ? ? ? 1_555 B DG  4  N1 ? ? A DC  10 B DG  17 1_555 ? ? ? ? ? ? WATSON-CRICK ?     ? ? 
hydrog22 hydrog ?    ? A DC  10 N4    ? ? ? 1_555 B DG  4  O6 ? ? A DC  10 B DG  17 1_555 ? ? ? ? ? ? WATSON-CRICK ?     ? ? 
hydrog23 hydrog ?    ? A DC  10 O2    ? ? ? 1_555 B DG  4  N2 ? ? A DC  10 B DG  17 1_555 ? ? ? ? ? ? WATSON-CRICK ?     ? ? 
hydrog24 hydrog ?    ? A DG  11 N1    ? ? ? 1_555 B DC  3  N3 ? ? A DG  11 B DC  16 1_555 ? ? ? ? ? ? WATSON-CRICK ?     ? ? 
hydrog25 hydrog ?    ? A DG  11 N2    ? ? ? 1_555 B DC  3  O2 ? ? A DG  11 B DC  16 1_555 ? ? ? ? ? ? WATSON-CRICK ?     ? ? 
hydrog26 hydrog ?    ? A DG  11 O6    ? ? ? 1_555 B DC  3  N4 ? ? A DG  11 B DC  16 1_555 ? ? ? ? ? ? WATSON-CRICK ?     ? ? 
hydrog27 hydrog ?    ? A DG  12 N1    ? ? ? 1_555 B DC  2  N3 ? ? A DG  12 B DC  15 1_555 ? ? ? ? ? ? WATSON-CRICK ?     ? ? 
hydrog28 hydrog ?    ? A DG  12 N2    ? ? ? 1_555 B DC  2  O2 ? ? A DG  12 B DC  15 1_555 ? ? ? ? ? ? WATSON-CRICK ?     ? ? 
hydrog29 hydrog ?    ? A DG  12 O6    ? ? ? 1_555 B DC  2  N4 ? ? A DG  12 B DC  15 1_555 ? ? ? ? ? ? WATSON-CRICK ?     ? ? 
hydrog30 hydrog ?    ? A DG  13 N1    ? ? ? 1_555 B DC  1  N3 ? ? A DG  13 B DC  14 1_555 ? ? ? ? ? ? WATSON-CRICK ?     ? ? 
hydrog31 hydrog ?    ? A DG  13 N2    ? ? ? 1_555 B DC  1  O2 ? ? A DG  13 B DC  14 1_555 ? ? ? ? ? ? WATSON-CRICK ?     ? ? 
hydrog32 hydrog ?    ? A DG  13 O6    ? ? ? 1_555 B DC  1  N4 ? ? A DG  13 B DC  14 1_555 ? ? ? ? ? ? WATSON-CRICK ?     ? ? 
# 
loop_
_struct_conn_type.id 
_struct_conn_type.criteria 
_struct_conn_type.reference 
covale ? ? 
hydrog ? ? 
# 
loop_
_pdbx_validate_rmsd_angle.id 
_pdbx_validate_rmsd_angle.PDB_model_num 
_pdbx_validate_rmsd_angle.auth_atom_id_1 
_pdbx_validate_rmsd_angle.auth_asym_id_1 
_pdbx_validate_rmsd_angle.auth_comp_id_1 
_pdbx_validate_rmsd_angle.auth_seq_id_1 
_pdbx_validate_rmsd_angle.PDB_ins_code_1 
_pdbx_validate_rmsd_angle.label_alt_id_1 
_pdbx_validate_rmsd_angle.auth_atom_id_2 
_pdbx_validate_rmsd_angle.auth_asym_id_2 
_pdbx_validate_rmsd_angle.auth_comp_id_2 
_pdbx_validate_rmsd_angle.auth_seq_id_2 
_pdbx_validate_rmsd_angle.PDB_ins_code_2 
_pdbx_validate_rmsd_angle.label_alt_id_2 
_pdbx_validate_rmsd_angle.auth_atom_id_3 
_pdbx_validate_rmsd_angle.auth_asym_id_3 
_pdbx_validate_rmsd_angle.auth_comp_id_3 
_pdbx_validate_rmsd_angle.auth_seq_id_3 
_pdbx_validate_rmsd_angle.PDB_ins_code_3 
_pdbx_validate_rmsd_angle.label_alt_id_3 
_pdbx_validate_rmsd_angle.angle_value 
_pdbx_validate_rmsd_angle.angle_target_value 
_pdbx_validate_rmsd_angle.angle_deviation 
_pdbx_validate_rmsd_angle.angle_standard_deviation 
_pdbx_validate_rmsd_angle.linker_flag 
1  1 "O4'" A DC 1  ? ? "C1'" A DC 1  ? ? N1 A DC 1  ? ? 111.56 108.30 3.26  0.30 N 
2  1 N3    A DC 1  ? ? C2    A DC 1  ? ? O2 A DC 1  ? ? 117.03 121.90 -4.87 0.70 N 
3  1 N3    A DC 2  ? ? C2    A DC 2  ? ? O2 A DC 2  ? ? 117.09 121.90 -4.81 0.70 N 
4  1 C4    A DA 3  ? ? C5    A DA 3  ? ? C6 A DA 3  ? ? 113.53 117.00 -3.47 0.50 N 
5  1 C5    A DA 3  ? ? C6    A DA 3  ? ? N1 A DA 3  ? ? 121.08 117.70 3.38  0.50 N 
6  1 N1    A DA 3  ? ? C6    A DA 3  ? ? N6 A DA 3  ? ? 114.14 118.60 -4.46 0.60 N 
7  1 C4    A DA 4  ? ? C5    A DA 4  ? ? C6 A DA 4  ? ? 113.45 117.00 -3.55 0.50 N 
8  1 C5    A DA 4  ? ? C6    A DA 4  ? ? N1 A DA 4  ? ? 121.20 117.70 3.50  0.50 N 
9  1 N1    A DA 4  ? ? C6    A DA 4  ? ? N6 A DA 4  ? ? 113.70 118.60 -4.90 0.60 N 
10 1 C4    A DA 5  ? ? C5    A DA 5  ? ? C6 A DA 5  ? ? 113.48 117.00 -3.52 0.50 N 
11 1 C5    A DA 5  ? ? C6    A DA 5  ? ? N1 A DA 5  ? ? 121.07 117.70 3.37  0.50 N 
12 1 N1    A DA 5  ? ? C6    A DA 5  ? ? N6 A DA 5  ? ? 113.86 118.60 -4.74 0.60 N 
13 1 C4    A DA 8  ? ? C5    A DA 8  ? ? C6 A DA 8  ? ? 113.48 117.00 -3.52 0.50 N 
14 1 C5    A DA 8  ? ? C6    A DA 8  ? ? N1 A DA 8  ? ? 121.17 117.70 3.47  0.50 N 
15 1 N1    A DA 8  ? ? C6    A DA 8  ? ? N6 A DA 8  ? ? 113.73 118.60 -4.87 0.60 N 
16 1 N3    A DC 9  ? ? C2    A DC 9  ? ? O2 A DC 9  ? ? 116.91 121.90 -4.99 0.70 N 
17 1 N3    A DC 10 ? ? C2    A DC 10 ? ? O2 A DC 10 ? ? 116.96 121.90 -4.94 0.70 N 
18 1 "O4'" A DG 12 ? ? "C1'" A DG 12 ? ? N9 A DG 12 ? ? 111.10 108.30 2.80  0.30 N 
19 1 "O4'" B DC 14 ? ? "C1'" B DC 14 ? ? N1 B DC 14 ? ? 110.82 108.30 2.52  0.30 N 
20 1 N3    B DC 14 ? ? C2    B DC 14 ? ? O2 B DC 14 ? ? 116.83 121.90 -5.07 0.70 N 
21 1 "O4'" B DC 15 ? ? "C1'" B DC 15 ? ? N1 B DC 15 ? ? 110.15 108.30 1.85  0.30 N 
22 1 N3    B DC 15 ? ? C2    B DC 15 ? ? O2 B DC 15 ? ? 116.80 121.90 -5.10 0.70 N 
23 1 "O4'" B DC 16 ? ? "C1'" B DC 16 ? ? N1 B DC 16 ? ? 110.20 108.30 1.90  0.30 N 
24 1 N3    B DC 16 ? ? C2    B DC 16 ? ? O2 B DC 16 ? ? 116.82 121.90 -5.08 0.70 N 
25 1 "O4'" B DG 18 ? ? "C1'" B DG 18 ? ? N9 B DG 18 ? ? 110.22 108.30 1.92  0.30 N 
26 1 "O4'" B DA 20 ? ? "C1'" B DA 20 ? ? N9 B DA 20 ? ? 110.79 108.30 2.49  0.30 N 
27 1 C4    B DA 20 ? ? C5    B DA 20 ? ? C6 B DA 20 ? ? 113.48 117.00 -3.52 0.50 N 
28 1 C5    B DA 20 ? ? C6    B DA 20 ? ? N1 B DA 20 ? ? 121.58 117.70 3.88  0.50 N 
29 1 N1    B DA 20 ? ? C6    B DA 20 ? ? N6 B DA 20 ? ? 112.72 118.60 -5.88 0.60 N 
30 1 N3    B DC 21 ? ? C2    B DC 21 ? ? O2 B DC 21 ? ? 117.14 121.90 -4.76 0.70 N 
31 1 C6    B DT 23 ? ? C5    B DT 23 ? ? C7 B DT 23 ? ? 118.68 122.90 -4.22 0.60 N 
32 1 C6    B DT 24 ? ? C5    B DT 24 ? ? C7 B DT 24 ? ? 119.07 122.90 -3.83 0.60 N 
33 1 "O4'" B DG 25 ? ? "C1'" B DG 25 ? ? N9 B DG 25 ? ? 110.34 108.30 2.04  0.30 N 
34 1 "O4'" B DG 26 ? ? "C1'" B DG 26 ? ? N9 B DG 26 ? ? 110.52 108.30 2.22  0.30 N 
# 
_pdbx_database_remark.id     600 
_pdbx_database_remark.text   
;HETEROGEN  
  
D1P IS AN ALPHA ANOMER. THEREFORE, C1' CENTER HAS CORRECT 
CHIRALITY AT D1P. 

;
# 
_pdbx_nmr_ensemble.entry_id                                      2HSL 
_pdbx_nmr_ensemble.conformers_calculated_total_number            30 
_pdbx_nmr_ensemble.conformers_submitted_total_number             1 
_pdbx_nmr_ensemble.conformer_selection_criteria                  'structures with the least restraint violations' 
_pdbx_nmr_ensemble.average_constraints_per_residue               ? 
_pdbx_nmr_ensemble.average_constraint_violations_per_residue     ? 
_pdbx_nmr_ensemble.maximum_distance_constraint_violation         ? 
_pdbx_nmr_ensemble.average_distance_constraint_violation         ? 
_pdbx_nmr_ensemble.maximum_upper_distance_constraint_violation   ? 
_pdbx_nmr_ensemble.maximum_lower_distance_constraint_violation   ? 
_pdbx_nmr_ensemble.distance_constraint_violation_method          ? 
_pdbx_nmr_ensemble.maximum_torsion_angle_constraint_violation    ? 
_pdbx_nmr_ensemble.average_torsion_angle_constraint_violation    ? 
_pdbx_nmr_ensemble.torsion_angle_constraint_violation_method     ? 
# 
_pdbx_nmr_representative.entry_id             2HSL 
_pdbx_nmr_representative.conformer_id         1 
_pdbx_nmr_representative.selection_criteria   'minimized average structure' 
# 
loop_
_pdbx_nmr_sample_details.solution_id 
_pdbx_nmr_sample_details.contents 
_pdbx_nmr_sample_details.solvent_system 
_pdbx_nmr_sample_details.label 
_pdbx_nmr_sample_details.type 
_pdbx_nmr_sample_details.details 
1 '2.7 mM duplex DNA, 10 mM sodium phosphate, 0.2 mM EDTA, 100% D2O'             '100% D2O'             sample_1 solution ? 
2 '2.7 mM duplex DNA, 10 mM sodium phosphate, 0.2 mM EDTA, 90% H2O/10% D2O(v/v)' '90% H2O/10% D2O(v/v)' sample_2 solution ? 
# 
loop_
_pdbx_nmr_exptl_sample.component 
_pdbx_nmr_exptl_sample.concentration 
_pdbx_nmr_exptl_sample.concentration_range 
_pdbx_nmr_exptl_sample.concentration_units 
_pdbx_nmr_exptl_sample.isotopic_labeling 
_pdbx_nmr_exptl_sample.solution_id 
'duplex DNA'       2.7 ? mM 'natural abundance' 1 
'duplex DNA'       2.7 ? mM 'natural abundance' 2 
'sodium phosphate' 10  ? mM 'natural abundance' 1 
'sodium phosphate' 10  ? mM 'natural abundance' 2 
EDTA               0.2 ? mM 'natural abundance' 1 
EDTA               0.2 ? mM 'natural abundance' 2 
# 
loop_
_pdbx_nmr_exptl_sample_conditions.conditions_id 
_pdbx_nmr_exptl_sample_conditions.temperature 
_pdbx_nmr_exptl_sample_conditions.pressure 
_pdbx_nmr_exptl_sample_conditions.pH 
_pdbx_nmr_exptl_sample_conditions.ionic_strength 
_pdbx_nmr_exptl_sample_conditions.pressure_units 
_pdbx_nmr_exptl_sample_conditions.temperature_units 
_pdbx_nmr_exptl_sample_conditions.label 
_pdbx_nmr_exptl_sample_conditions.pH_units 
_pdbx_nmr_exptl_sample_conditions.ionic_strength_units 
1 298 1 6.5 '10 mM sodium phosphate' atm K sample_conditions_1 pH mM 
2 277 1 6.5 '10 mM sodium phosphate' atm K sample_conditions_2 pH mM 
# 
loop_
_pdbx_nmr_exptl.experiment_id 
_pdbx_nmr_exptl.conditions_id 
_pdbx_nmr_exptl.type 
_pdbx_nmr_exptl.solution_id 
1 1 '2D NOESY'           1 
2 1 '2D TOCSY'           1 
3 1 E-COSY               1 
4 1 'H-P-selective HSQC' 1 
5 2 '2D NOESY'           2 
# 
_pdbx_nmr_details.entry_id   2HSL 
_pdbx_nmr_details.text       'This structure was determined using standard 2D homonuclear and HP-HSQC techniques' 
# 
_pdbx_nmr_refine.entry_id           2HSL 
_pdbx_nmr_refine.method             
;simulated annealing 
matrix relaxation
;
_pdbx_nmr_refine.details            
;the structures are based on 482 NOE-derived distance constraints, 57 dihedral angle restraints,8 distance restraints  
from hydrogen bonds.
;
_pdbx_nmr_refine.software_ordinal   3 
# 
loop_
_pdbx_nmr_software.classification 
_pdbx_nmr_software.name 
_pdbx_nmr_software.version 
_pdbx_nmr_software.authors 
_pdbx_nmr_software.ordinal 
'data analysis'         Felix     2000 ?              1 
'geometry optimization' MARDIGRAS ?    ?              2 
refinement              Amber     8.0  'Case, et al.' 3 
# 
loop_
_chem_comp_atom.comp_id 
_chem_comp_atom.atom_id 
_chem_comp_atom.type_symbol 
_chem_comp_atom.pdbx_aromatic_flag 
_chem_comp_atom.pdbx_stereo_config 
_chem_comp_atom.pdbx_ordinal 
DA  OP3    O N N 1   
DA  P      P N N 2   
DA  OP1    O N N 3   
DA  OP2    O N N 4   
DA  "O5'"  O N N 5   
DA  "C5'"  C N N 6   
DA  "C4'"  C N R 7   
DA  "O4'"  O N N 8   
DA  "C3'"  C N S 9   
DA  "O3'"  O N N 10  
DA  "C2'"  C N N 11  
DA  "C1'"  C N R 12  
DA  N9     N Y N 13  
DA  C8     C Y N 14  
DA  N7     N Y N 15  
DA  C5     C Y N 16  
DA  C6     C Y N 17  
DA  N6     N N N 18  
DA  N1     N Y N 19  
DA  C2     C Y N 20  
DA  N3     N Y N 21  
DA  C4     C Y N 22  
DA  HOP3   H N N 23  
DA  HOP2   H N N 24  
DA  "H5'"  H N N 25  
DA  "H5''" H N N 26  
DA  "H4'"  H N N 27  
DA  "H3'"  H N N 28  
DA  "HO3'" H N N 29  
DA  "H2'"  H N N 30  
DA  "H2''" H N N 31  
DA  "H1'"  H N N 32  
DA  H8     H N N 33  
DA  H61    H N N 34  
DA  H62    H N N 35  
DA  H2     H N N 36  
DC  OP3    O N N 37  
DC  P      P N N 38  
DC  OP1    O N N 39  
DC  OP2    O N N 40  
DC  "O5'"  O N N 41  
DC  "C5'"  C N N 42  
DC  "C4'"  C N R 43  
DC  "O4'"  O N N 44  
DC  "C3'"  C N S 45  
DC  "O3'"  O N N 46  
DC  "C2'"  C N N 47  
DC  "C1'"  C N R 48  
DC  N1     N N N 49  
DC  C2     C N N 50  
DC  O2     O N N 51  
DC  N3     N N N 52  
DC  C4     C N N 53  
DC  N4     N N N 54  
DC  C5     C N N 55  
DC  C6     C N N 56  
DC  HOP3   H N N 57  
DC  HOP2   H N N 58  
DC  "H5'"  H N N 59  
DC  "H5''" H N N 60  
DC  "H4'"  H N N 61  
DC  "H3'"  H N N 62  
DC  "HO3'" H N N 63  
DC  "H2'"  H N N 64  
DC  "H2''" H N N 65  
DC  "H1'"  H N N 66  
DC  H41    H N N 67  
DC  H42    H N N 68  
DC  H5     H N N 69  
DC  H6     H N N 70  
DG  OP3    O N N 71  
DG  P      P N N 72  
DG  OP1    O N N 73  
DG  OP2    O N N 74  
DG  "O5'"  O N N 75  
DG  "C5'"  C N N 76  
DG  "C4'"  C N R 77  
DG  "O4'"  O N N 78  
DG  "C3'"  C N S 79  
DG  "O3'"  O N N 80  
DG  "C2'"  C N N 81  
DG  "C1'"  C N R 82  
DG  N9     N Y N 83  
DG  C8     C Y N 84  
DG  N7     N Y N 85  
DG  C5     C Y N 86  
DG  C6     C N N 87  
DG  O6     O N N 88  
DG  N1     N N N 89  
DG  C2     C N N 90  
DG  N2     N N N 91  
DG  N3     N N N 92  
DG  C4     C Y N 93  
DG  HOP3   H N N 94  
DG  HOP2   H N N 95  
DG  "H5'"  H N N 96  
DG  "H5''" H N N 97  
DG  "H4'"  H N N 98  
DG  "H3'"  H N N 99  
DG  "HO3'" H N N 100 
DG  "H2'"  H N N 101 
DG  "H2''" H N N 102 
DG  "H1'"  H N N 103 
DG  H8     H N N 104 
DG  H1     H N N 105 
DG  H21    H N N 106 
DG  H22    H N N 107 
DT  OP3    O N N 108 
DT  P      P N N 109 
DT  OP1    O N N 110 
DT  OP2    O N N 111 
DT  "O5'"  O N N 112 
DT  "C5'"  C N N 113 
DT  "C4'"  C N R 114 
DT  "O4'"  O N N 115 
DT  "C3'"  C N S 116 
DT  "O3'"  O N N 117 
DT  "C2'"  C N N 118 
DT  "C1'"  C N R 119 
DT  N1     N N N 120 
DT  C2     C N N 121 
DT  O2     O N N 122 
DT  N3     N N N 123 
DT  C4     C N N 124 
DT  O4     O N N 125 
DT  C5     C N N 126 
DT  C7     C N N 127 
DT  C6     C N N 128 
DT  HOP3   H N N 129 
DT  HOP2   H N N 130 
DT  "H5'"  H N N 131 
DT  "H5''" H N N 132 
DT  "H4'"  H N N 133 
DT  "H3'"  H N N 134 
DT  "HO3'" H N N 135 
DT  "H2'"  H N N 136 
DT  "H2''" H N N 137 
DT  "H1'"  H N N 138 
DT  H3     H N N 139 
DT  H71    H N N 140 
DT  H72    H N N 141 
DT  H73    H N N 142 
DT  H6     H N N 143 
ORP C1     C N S 144 
ORP O1     O N N 145 
ORP C2     C N N 146 
ORP C3     C N S 147 
ORP O3     O N N 148 
ORP C4     C N R 149 
ORP O4     O N N 150 
ORP C5     C N N 151 
ORP O5     O N N 152 
ORP P      P N N 153 
ORP O1P    O N N 154 
ORP O2P    O N N 155 
ORP O3P    O N N 156 
ORP H1     H N N 157 
ORP HO1    H N N 158 
ORP H21    H N N 159 
ORP H22    H N N 160 
ORP H3     H N N 161 
ORP HO3    H N N 162 
ORP H4     H N N 163 
ORP H51    H N N 164 
ORP H52    H N N 165 
ORP HOP2   H N N 166 
ORP HOP3   H N N 167 
# 
loop_
_chem_comp_bond.comp_id 
_chem_comp_bond.atom_id_1 
_chem_comp_bond.atom_id_2 
_chem_comp_bond.value_order 
_chem_comp_bond.pdbx_aromatic_flag 
_chem_comp_bond.pdbx_stereo_config 
_chem_comp_bond.pdbx_ordinal 
DA  OP3   P      sing N N 1   
DA  OP3   HOP3   sing N N 2   
DA  P     OP1    doub N N 3   
DA  P     OP2    sing N N 4   
DA  P     "O5'"  sing N N 5   
DA  OP2   HOP2   sing N N 6   
DA  "O5'" "C5'"  sing N N 7   
DA  "C5'" "C4'"  sing N N 8   
DA  "C5'" "H5'"  sing N N 9   
DA  "C5'" "H5''" sing N N 10  
DA  "C4'" "O4'"  sing N N 11  
DA  "C4'" "C3'"  sing N N 12  
DA  "C4'" "H4'"  sing N N 13  
DA  "O4'" "C1'"  sing N N 14  
DA  "C3'" "O3'"  sing N N 15  
DA  "C3'" "C2'"  sing N N 16  
DA  "C3'" "H3'"  sing N N 17  
DA  "O3'" "HO3'" sing N N 18  
DA  "C2'" "C1'"  sing N N 19  
DA  "C2'" "H2'"  sing N N 20  
DA  "C2'" "H2''" sing N N 21  
DA  "C1'" N9     sing N N 22  
DA  "C1'" "H1'"  sing N N 23  
DA  N9    C8     sing Y N 24  
DA  N9    C4     sing Y N 25  
DA  C8    N7     doub Y N 26  
DA  C8    H8     sing N N 27  
DA  N7    C5     sing Y N 28  
DA  C5    C6     sing Y N 29  
DA  C5    C4     doub Y N 30  
DA  C6    N6     sing N N 31  
DA  C6    N1     doub Y N 32  
DA  N6    H61    sing N N 33  
DA  N6    H62    sing N N 34  
DA  N1    C2     sing Y N 35  
DA  C2    N3     doub Y N 36  
DA  C2    H2     sing N N 37  
DA  N3    C4     sing Y N 38  
DC  OP3   P      sing N N 39  
DC  OP3   HOP3   sing N N 40  
DC  P     OP1    doub N N 41  
DC  P     OP2    sing N N 42  
DC  P     "O5'"  sing N N 43  
DC  OP2   HOP2   sing N N 44  
DC  "O5'" "C5'"  sing N N 45  
DC  "C5'" "C4'"  sing N N 46  
DC  "C5'" "H5'"  sing N N 47  
DC  "C5'" "H5''" sing N N 48  
DC  "C4'" "O4'"  sing N N 49  
DC  "C4'" "C3'"  sing N N 50  
DC  "C4'" "H4'"  sing N N 51  
DC  "O4'" "C1'"  sing N N 52  
DC  "C3'" "O3'"  sing N N 53  
DC  "C3'" "C2'"  sing N N 54  
DC  "C3'" "H3'"  sing N N 55  
DC  "O3'" "HO3'" sing N N 56  
DC  "C2'" "C1'"  sing N N 57  
DC  "C2'" "H2'"  sing N N 58  
DC  "C2'" "H2''" sing N N 59  
DC  "C1'" N1     sing N N 60  
DC  "C1'" "H1'"  sing N N 61  
DC  N1    C2     sing N N 62  
DC  N1    C6     sing N N 63  
DC  C2    O2     doub N N 64  
DC  C2    N3     sing N N 65  
DC  N3    C4     doub N N 66  
DC  C4    N4     sing N N 67  
DC  C4    C5     sing N N 68  
DC  N4    H41    sing N N 69  
DC  N4    H42    sing N N 70  
DC  C5    C6     doub N N 71  
DC  C5    H5     sing N N 72  
DC  C6    H6     sing N N 73  
DG  OP3   P      sing N N 74  
DG  OP3   HOP3   sing N N 75  
DG  P     OP1    doub N N 76  
DG  P     OP2    sing N N 77  
DG  P     "O5'"  sing N N 78  
DG  OP2   HOP2   sing N N 79  
DG  "O5'" "C5'"  sing N N 80  
DG  "C5'" "C4'"  sing N N 81  
DG  "C5'" "H5'"  sing N N 82  
DG  "C5'" "H5''" sing N N 83  
DG  "C4'" "O4'"  sing N N 84  
DG  "C4'" "C3'"  sing N N 85  
DG  "C4'" "H4'"  sing N N 86  
DG  "O4'" "C1'"  sing N N 87  
DG  "C3'" "O3'"  sing N N 88  
DG  "C3'" "C2'"  sing N N 89  
DG  "C3'" "H3'"  sing N N 90  
DG  "O3'" "HO3'" sing N N 91  
DG  "C2'" "C1'"  sing N N 92  
DG  "C2'" "H2'"  sing N N 93  
DG  "C2'" "H2''" sing N N 94  
DG  "C1'" N9     sing N N 95  
DG  "C1'" "H1'"  sing N N 96  
DG  N9    C8     sing Y N 97  
DG  N9    C4     sing Y N 98  
DG  C8    N7     doub Y N 99  
DG  C8    H8     sing N N 100 
DG  N7    C5     sing Y N 101 
DG  C5    C6     sing N N 102 
DG  C5    C4     doub Y N 103 
DG  C6    O6     doub N N 104 
DG  C6    N1     sing N N 105 
DG  N1    C2     sing N N 106 
DG  N1    H1     sing N N 107 
DG  C2    N2     sing N N 108 
DG  C2    N3     doub N N 109 
DG  N2    H21    sing N N 110 
DG  N2    H22    sing N N 111 
DG  N3    C4     sing N N 112 
DT  OP3   P      sing N N 113 
DT  OP3   HOP3   sing N N 114 
DT  P     OP1    doub N N 115 
DT  P     OP2    sing N N 116 
DT  P     "O5'"  sing N N 117 
DT  OP2   HOP2   sing N N 118 
DT  "O5'" "C5'"  sing N N 119 
DT  "C5'" "C4'"  sing N N 120 
DT  "C5'" "H5'"  sing N N 121 
DT  "C5'" "H5''" sing N N 122 
DT  "C4'" "O4'"  sing N N 123 
DT  "C4'" "C3'"  sing N N 124 
DT  "C4'" "H4'"  sing N N 125 
DT  "O4'" "C1'"  sing N N 126 
DT  "C3'" "O3'"  sing N N 127 
DT  "C3'" "C2'"  sing N N 128 
DT  "C3'" "H3'"  sing N N 129 
DT  "O3'" "HO3'" sing N N 130 
DT  "C2'" "C1'"  sing N N 131 
DT  "C2'" "H2'"  sing N N 132 
DT  "C2'" "H2''" sing N N 133 
DT  "C1'" N1     sing N N 134 
DT  "C1'" "H1'"  sing N N 135 
DT  N1    C2     sing N N 136 
DT  N1    C6     sing N N 137 
DT  C2    O2     doub N N 138 
DT  C2    N3     sing N N 139 
DT  N3    C4     sing N N 140 
DT  N3    H3     sing N N 141 
DT  C4    O4     doub N N 142 
DT  C4    C5     sing N N 143 
DT  C5    C7     sing N N 144 
DT  C5    C6     doub N N 145 
DT  C7    H71    sing N N 146 
DT  C7    H72    sing N N 147 
DT  C7    H73    sing N N 148 
DT  C6    H6     sing N N 149 
ORP C1    O1     sing N N 150 
ORP C1    C2     sing N N 151 
ORP C1    O4     sing N N 152 
ORP C1    H1     sing N N 153 
ORP O1    HO1    sing N N 154 
ORP C2    C3     sing N N 155 
ORP C2    H21    sing N N 156 
ORP C2    H22    sing N N 157 
ORP C3    O3     sing N N 158 
ORP C3    C4     sing N N 159 
ORP C3    H3     sing N N 160 
ORP O3    HO3    sing N N 161 
ORP C4    O4     sing N N 162 
ORP C4    C5     sing N N 163 
ORP C4    H4     sing N N 164 
ORP C5    O5     sing N N 165 
ORP C5    H51    sing N N 166 
ORP C5    H52    sing N N 167 
ORP O5    P      sing N N 168 
ORP P     O1P    doub N N 169 
ORP P     O2P    sing N N 170 
ORP P     O3P    sing N N 171 
ORP O2P   HOP2   sing N N 172 
ORP O3P   HOP3   sing N N 173 
# 
loop_
_ndb_struct_conf_na.entry_id 
_ndb_struct_conf_na.feature 
2HSL 'double helix'        
2HSL 'b-form double helix' 
# 
loop_
_ndb_struct_na_base_pair.model_number 
_ndb_struct_na_base_pair.i_label_asym_id 
_ndb_struct_na_base_pair.i_label_comp_id 
_ndb_struct_na_base_pair.i_label_seq_id 
_ndb_struct_na_base_pair.i_symmetry 
_ndb_struct_na_base_pair.j_label_asym_id 
_ndb_struct_na_base_pair.j_label_comp_id 
_ndb_struct_na_base_pair.j_label_seq_id 
_ndb_struct_na_base_pair.j_symmetry 
_ndb_struct_na_base_pair.shear 
_ndb_struct_na_base_pair.stretch 
_ndb_struct_na_base_pair.stagger 
_ndb_struct_na_base_pair.buckle 
_ndb_struct_na_base_pair.propeller 
_ndb_struct_na_base_pair.opening 
_ndb_struct_na_base_pair.pair_number 
_ndb_struct_na_base_pair.pair_name 
_ndb_struct_na_base_pair.i_auth_asym_id 
_ndb_struct_na_base_pair.i_auth_seq_id 
_ndb_struct_na_base_pair.i_PDB_ins_code 
_ndb_struct_na_base_pair.j_auth_asym_id 
_ndb_struct_na_base_pair.j_auth_seq_id 
_ndb_struct_na_base_pair.j_PDB_ins_code 
_ndb_struct_na_base_pair.hbond_type_28 
_ndb_struct_na_base_pair.hbond_type_12 
1 A DC 1  1_555 B DG 13 1_555 0.224  -0.103 -0.191 7.951  -0.468 -1.220 1  A_DC1:DG26_B  A 1  ? B 26 ? 19 1 
1 A DC 2  1_555 B DG 12 1_555 0.531  -0.181 -0.589 14.770 -0.030 0.072  2  A_DC2:DG25_B  A 2  ? B 25 ? 19 1 
1 A DA 3  1_555 B DT 11 1_555 0.090  -0.062 -0.421 -9.678 -5.369 1.038  3  A_DA3:DT24_B  A 3  ? B 24 ? 20 1 
1 A DA 4  1_555 B DT 10 1_555 0.203  -0.066 -0.483 -5.338 -7.587 1.409  4  A_DA4:DT23_B  A 4  ? B 23 ? 20 1 
1 A DA 5  1_555 B DT 9  1_555 0.097  -0.054 -0.387 -9.427 -9.071 2.497  5  A_DA5:DT22_B  A 5  ? B 22 ? 20 1 
1 A DG 6  1_555 B DC 8  1_555 -0.575 -0.194 -0.016 -5.512 -3.099 0.154  6  A_DG6:DC21_B  A 6  ? B 21 ? 19 1 
1 A DA 8  1_555 B DT 6  1_555 0.063  -0.041 0.110  -7.126 -1.204 0.659  7  A_DA8:DT19_B  A 8  ? B 19 ? 20 1 
1 A DC 9  1_555 B DG 5  1_555 0.587  -0.173 0.070  3.790  -4.677 0.925  8  A_DC9:DG18_B  A 9  ? B 18 ? 19 1 
1 A DC 10 1_555 B DG 4  1_555 0.427  -0.135 -0.131 -1.209 1.246  -0.139 9  A_DC10:DG17_B A 10 ? B 17 ? 19 1 
1 A DG 11 1_555 B DC 3  1_555 -0.581 -0.206 0.035  6.166  3.434  -1.004 10 A_DG11:DC16_B A 11 ? B 16 ? 19 1 
1 A DG 12 1_555 B DC 2  1_555 -0.521 -0.159 -0.133 -0.416 -5.471 1.000  11 A_DG12:DC15_B A 12 ? B 15 ? 19 1 
1 A DG 13 1_555 B DC 1  1_555 -0.233 -0.092 -0.128 5.013  1.041  -0.528 12 A_DG13:DC14_B A 13 ? B 14 ? 19 1 
# 
loop_
_ndb_struct_na_base_pair_step.model_number 
_ndb_struct_na_base_pair_step.i_label_asym_id_1 
_ndb_struct_na_base_pair_step.i_label_comp_id_1 
_ndb_struct_na_base_pair_step.i_label_seq_id_1 
_ndb_struct_na_base_pair_step.i_symmetry_1 
_ndb_struct_na_base_pair_step.j_label_asym_id_1 
_ndb_struct_na_base_pair_step.j_label_comp_id_1 
_ndb_struct_na_base_pair_step.j_label_seq_id_1 
_ndb_struct_na_base_pair_step.j_symmetry_1 
_ndb_struct_na_base_pair_step.i_label_asym_id_2 
_ndb_struct_na_base_pair_step.i_label_comp_id_2 
_ndb_struct_na_base_pair_step.i_label_seq_id_2 
_ndb_struct_na_base_pair_step.i_symmetry_2 
_ndb_struct_na_base_pair_step.j_label_asym_id_2 
_ndb_struct_na_base_pair_step.j_label_comp_id_2 
_ndb_struct_na_base_pair_step.j_label_seq_id_2 
_ndb_struct_na_base_pair_step.j_symmetry_2 
_ndb_struct_na_base_pair_step.shift 
_ndb_struct_na_base_pair_step.slide 
_ndb_struct_na_base_pair_step.rise 
_ndb_struct_na_base_pair_step.tilt 
_ndb_struct_na_base_pair_step.roll 
_ndb_struct_na_base_pair_step.twist 
_ndb_struct_na_base_pair_step.x_displacement 
_ndb_struct_na_base_pair_step.y_displacement 
_ndb_struct_na_base_pair_step.helical_rise 
_ndb_struct_na_base_pair_step.inclination 
_ndb_struct_na_base_pair_step.tip 
_ndb_struct_na_base_pair_step.helical_twist 
_ndb_struct_na_base_pair_step.step_number 
_ndb_struct_na_base_pair_step.step_name 
_ndb_struct_na_base_pair_step.i_auth_asym_id_1 
_ndb_struct_na_base_pair_step.i_auth_seq_id_1 
_ndb_struct_na_base_pair_step.i_PDB_ins_code_1 
_ndb_struct_na_base_pair_step.j_auth_asym_id_1 
_ndb_struct_na_base_pair_step.j_auth_seq_id_1 
_ndb_struct_na_base_pair_step.j_PDB_ins_code_1 
_ndb_struct_na_base_pair_step.i_auth_asym_id_2 
_ndb_struct_na_base_pair_step.i_auth_seq_id_2 
_ndb_struct_na_base_pair_step.i_PDB_ins_code_2 
_ndb_struct_na_base_pair_step.j_auth_asym_id_2 
_ndb_struct_na_base_pair_step.j_auth_seq_id_2 
_ndb_struct_na_base_pair_step.j_PDB_ins_code_2 
1 A DC 1  1_555 B DG 13 1_555 A DC 2  1_555 B DG 12 1_555 -0.068 -1.455 3.298 2.349   4.418  29.711 -3.680 0.598  3.041 8.539  
-4.541 30.120 1  AA_DC1DC2:DG25DG26_BB   A 1  ? B 26 ? A 2  ? B 25 ? 
1 A DC 2  1_555 B DG 12 1_555 A DA 3  1_555 B DT 11 1_555 -1.096 -1.237 4.049 -4.888  7.756  35.082 -3.321 0.925  3.812 12.603 
7.942  36.223 2  AA_DC2DA3:DT24DG25_BB   A 2  ? B 25 ? A 3  ? B 24 ? 
1 A DA 3  1_555 B DT 11 1_555 A DA 4  1_555 B DT 10 1_555 -0.258 -0.862 3.458 -1.489  9.179  29.377 -3.457 0.189  3.064 17.553 
2.848  30.783 3  AA_DA3DA4:DT23DT24_BB   A 3  ? B 24 ? A 4  ? B 23 ? 
1 A DA 4  1_555 B DT 10 1_555 A DA 5  1_555 B DT 9  1_555 0.058  -1.062 3.613 -1.620  9.146  28.544 -4.044 -0.464 3.123 17.959 
3.181  29.987 4  AA_DA4DA5:DT22DT23_BB   A 4  ? B 23 ? A 5  ? B 22 ? 
1 A DA 5  1_555 B DT 9  1_555 A DG 6  1_555 B DC 8  1_555 -0.347 -0.995 3.386 -2.155  3.034  27.527 -2.821 0.193  3.277 6.340  
4.502  27.772 5  AA_DA5DG6:DC21DT22_BB   A 5  ? B 22 ? A 6  ? B 21 ? 
1 A DG 6  1_555 B DC 8  1_555 A DA 8  1_555 B DT 6  1_555 -0.594 -1.025 6.364 -10.258 11.297 69.577 -1.640 -0.176 6.183 9.782  
8.882  71.024 6  AA_DG6DA8:DT19DC21_BB   A 6  ? B 21 ? A 8  ? B 19 ? 
1 A DA 8  1_555 B DT 6  1_555 A DC 9  1_555 B DG 5  1_555 0.027  -1.036 3.346 0.802   0.625  31.212 -2.046 0.105  3.325 1.162  
-1.489 31.228 7  AA_DA8DC9:DG18DT19_BB   A 8  ? B 19 ? A 9  ? B 18 ? 
1 A DC 9  1_555 B DG 5  1_555 A DC 10 1_555 B DG 4  1_555 -0.366 -1.895 3.555 -0.052  1.053  28.298 -4.136 0.736  3.484 2.153  
0.107  28.317 8  AA_DC9DC10:DG17DG18_BB  A 9  ? B 18 ? A 10 ? B 17 ? 
1 A DC 10 1_555 B DG 4  1_555 A DG 11 1_555 B DC 3  1_555 -0.264 -1.272 3.321 -1.895  1.767  26.767 -3.192 0.078  3.242 3.807  
4.082  26.890 9  AA_DC10DG11:DC16DG17_BB A 10 ? B 17 ? A 11 ? B 16 ? 
1 A DG 11 1_555 B DC 3  1_555 A DG 12 1_555 B DC 2  1_555 0.256  -1.742 3.609 0.515   3.338  29.012 -4.234 -0.388 3.395 6.634  
-1.024 29.203 10 AA_DG11DG12:DC15DC16_BB A 11 ? B 16 ? A 12 ? B 15 ? 
1 A DG 12 1_555 B DC 2  1_555 A DG 13 1_555 B DC 1  1_555 -0.183 -1.146 3.370 -1.123  4.096  31.461 -2.855 0.126  3.204 7.511  
2.060  31.739 11 AA_DG12DG13:DC14DC15_BB A 12 ? B 15 ? A 13 ? B 14 ? 
# 
loop_
_pdbx_nmr_spectrometer.spectrometer_id 
_pdbx_nmr_spectrometer.model 
_pdbx_nmr_spectrometer.manufacturer 
_pdbx_nmr_spectrometer.field_strength 
_pdbx_nmr_spectrometer.type 
1 Custom-built Home-built 750 ? 
2 Custom-built Home-built 591 ? 
# 
_atom_sites.entry_id                    2HSL 
_atom_sites.fract_transf_matrix[1][1]   1.000000 
_atom_sites.fract_transf_matrix[1][2]   0.000000 
_atom_sites.fract_transf_matrix[1][3]   0.000000 
_atom_sites.fract_transf_matrix[2][1]   0.000000 
_atom_sites.fract_transf_matrix[2][2]   1.000000 
_atom_sites.fract_transf_matrix[2][3]   0.000000 
_atom_sites.fract_transf_matrix[3][1]   0.000000 
_atom_sites.fract_transf_matrix[3][2]   0.000000 
_atom_sites.fract_transf_matrix[3][3]   1.000000 
_atom_sites.fract_transf_vector[1]      0.00000 
_atom_sites.fract_transf_vector[2]      0.00000 
_atom_sites.fract_transf_vector[3]      0.00000 
# 
loop_
_atom_type.symbol 
C 
H 
N 
O 
P 
# 
loop_
_atom_site.group_PDB 
_atom_site.id 
_atom_site.type_symbol 
_atom_site.label_atom_id 
_atom_site.label_alt_id 
_atom_site.label_comp_id 
_atom_site.label_asym_id 
_atom_site.label_entity_id 
_atom_site.label_seq_id 
_atom_site.pdbx_PDB_ins_code 
_atom_site.Cartn_x 
_atom_site.Cartn_y 
_atom_site.Cartn_z 
_atom_site.occupancy 
_atom_site.B_iso_or_equiv 
_atom_site.pdbx_formal_charge 
_atom_site.auth_seq_id 
_atom_site.auth_comp_id 
_atom_site.auth_asym_id 
_atom_site.auth_atom_id 
_atom_site.pdbx_PDB_model_num 
ATOM   1   O "O5'"  . DC  A 1 1  ? 4.793   -21.148 3.395   1.00 0.00 ? 1  DC  A "O5'"  1 
ATOM   2   C "C5'"  . DC  A 1 1  ? 4.696   -19.818 2.922   1.00 0.00 ? 1  DC  A "C5'"  1 
ATOM   3   C "C4'"  . DC  A 1 1  ? 3.653   -19.649 1.808   1.00 0.00 ? 1  DC  A "C4'"  1 
ATOM   4   O "O4'"  . DC  A 1 1  ? 2.341   -19.999 2.218   1.00 0.00 ? 1  DC  A "O4'"  1 
ATOM   5   C "C3'"  . DC  A 1 1  ? 3.560   -18.181 1.392   1.00 0.00 ? 1  DC  A "C3'"  1 
ATOM   6   O "O3'"  . DC  A 1 1  ? 4.391   -17.920 0.276   1.00 0.00 ? 1  DC  A "O3'"  1 
ATOM   7   C "C2'"  . DC  A 1 1  ? 2.075   -17.962 1.104   1.00 0.00 ? 1  DC  A "C2'"  1 
ATOM   8   C "C1'"  . DC  A 1 1  ? 1.450   -19.328 1.345   1.00 0.00 ? 1  DC  A "C1'"  1 
ATOM   9   N N1     . DC  A 1 1  ? 0.108   -19.171 1.951   1.00 0.00 ? 1  DC  A N1     1 
ATOM   10  C C2     . DC  A 1 1  ? -1.022  -19.198 1.127   1.00 0.00 ? 1  DC  A C2     1 
ATOM   11  O O2     . DC  A 1 1  ? -0.945  -19.377 -0.089  1.00 0.00 ? 1  DC  A O2     1 
ATOM   12  N N3     . DC  A 1 1  ? -2.259  -19.019 1.645   1.00 0.00 ? 1  DC  A N3     1 
ATOM   13  C C4     . DC  A 1 1  ? -2.362  -18.791 2.936   1.00 0.00 ? 1  DC  A C4     1 
ATOM   14  N N4     . DC  A 1 1  ? -3.569  -18.627 3.383   1.00 0.00 ? 1  DC  A N4     1 
ATOM   15  C C5     . DC  A 1 1  ? -1.254  -18.709 3.818   1.00 0.00 ? 1  DC  A C5     1 
ATOM   16  C C6     . DC  A 1 1  ? -0.022  -18.902 3.289   1.00 0.00 ? 1  DC  A C6     1 
ATOM   17  H "H5'"  . DC  A 1 1  ? 5.666   -19.533 2.526   1.00 0.00 ? 1  DC  A "H5'"  1 
ATOM   18  H "H5''" . DC  A 1 1  ? 4.460   -19.153 3.751   1.00 0.00 ? 1  DC  A "H5''" 1 
ATOM   19  H "H4'"  . DC  A 1 1  ? 3.937   -20.248 0.942   1.00 0.00 ? 1  DC  A "H4'"  1 
ATOM   20  H "H3'"  . DC  A 1 1  ? 3.843   -17.554 2.240   1.00 0.00 ? 1  DC  A "H3'"  1 
ATOM   21  H "H2'"  . DC  A 1 1  ? 1.688   -17.215 1.798   1.00 0.00 ? 1  DC  A "H2'"  1 
ATOM   22  H "H2''" . DC  A 1 1  ? 1.880   -17.657 0.079   1.00 0.00 ? 1  DC  A "H2''" 1 
ATOM   23  H "H1'"  . DC  A 1 1  ? 1.382   -19.863 0.390   1.00 0.00 ? 1  DC  A "H1'"  1 
ATOM   24  H H41    . DC  A 1 1  ? -4.324  -18.642 2.705   1.00 0.00 ? 1  DC  A H41    1 
ATOM   25  H H42    . DC  A 1 1  ? -3.717  -18.430 4.355   1.00 0.00 ? 1  DC  A H42    1 
ATOM   26  H H5     . DC  A 1 1  ? -1.361  -18.506 4.872   1.00 0.00 ? 1  DC  A H5     1 
ATOM   27  H H6     . DC  A 1 1  ? 0.869   -18.852 3.907   1.00 0.00 ? 1  DC  A H6     1 
ATOM   28  H "HO5'" . DC  A 1 1  ? 4.031   -21.318 3.985   1.00 0.00 ? 1  DC  A "HO5'" 1 
ATOM   29  P P      . DC  A 1 2  ? 4.670   -16.419 -0.220  1.00 0.00 ? 2  DC  A P      1 
ATOM   30  O OP1    . DC  A 1 2  ? 5.890   -16.425 -1.056  1.00 0.00 ? 2  DC  A OP1    1 
ATOM   31  O OP2    . DC  A 1 2  ? 4.631   -15.525 0.954   1.00 0.00 ? 2  DC  A OP2    1 
ATOM   32  O "O5'"  . DC  A 1 2  ? 3.411   -16.081 -1.149  1.00 0.00 ? 2  DC  A "O5'"  1 
ATOM   33  C "C5'"  . DC  A 1 2  ? 3.166   -16.838 -2.323  1.00 0.00 ? 2  DC  A "C5'"  1 
ATOM   34  C "C4'"  . DC  A 1 2  ? 1.896   -16.393 -3.036  1.00 0.00 ? 2  DC  A "C4'"  1 
ATOM   35  O "O4'"  . DC  A 1 2  ? 0.754   -16.744 -2.272  1.00 0.00 ? 2  DC  A "O4'"  1 
ATOM   36  C "C3'"  . DC  A 1 2  ? 1.872   -14.888 -3.329  1.00 0.00 ? 2  DC  A "C3'"  1 
ATOM   37  O "O3'"  . DC  A 1 2  ? 1.684   -14.781 -4.727  1.00 0.00 ? 2  DC  A "O3'"  1 
ATOM   38  C "C2'"  . DC  A 1 2  ? 0.706   -14.410 -2.463  1.00 0.00 ? 2  DC  A "C2'"  1 
ATOM   39  C "C1'"  . DC  A 1 2  ? -0.153  -15.666 -2.331  1.00 0.00 ? 2  DC  A "C1'"  1 
ATOM   40  N N1     . DC  A 1 2  ? -0.992  -15.673 -1.105  1.00 0.00 ? 2  DC  A N1     1 
ATOM   41  C C2     . DC  A 1 2  ? -2.378  -15.781 -1.240  1.00 0.00 ? 2  DC  A C2     1 
ATOM   42  O O2     . DC  A 1 2  ? -2.921  -15.923 -2.336  1.00 0.00 ? 2  DC  A O2     1 
ATOM   43  N N3     . DC  A 1 2  ? -3.184  -15.724 -0.156  1.00 0.00 ? 2  DC  A N3     1 
ATOM   44  C C4     . DC  A 1 2  ? -2.628  -15.605 1.029   1.00 0.00 ? 2  DC  A C4     1 
ATOM   45  N N4     . DC  A 1 2  ? -3.455  -15.487 2.023   1.00 0.00 ? 2  DC  A N4     1 
ATOM   46  C C5     . DC  A 1 2  ? -1.227  -15.544 1.244   1.00 0.00 ? 2  DC  A C5     1 
ATOM   47  C C6     . DC  A 1 2  ? -0.431  -15.573 0.145   1.00 0.00 ? 2  DC  A C6     1 
ATOM   48  H "H5'"  . DC  A 1 2  ? 3.066   -17.895 -2.072  1.00 0.00 ? 2  DC  A "H5'"  1 
ATOM   49  H "H5''" . DC  A 1 2  ? 4.000   -16.714 -3.011  1.00 0.00 ? 2  DC  A "H5''" 1 
ATOM   50  H "H4'"  . DC  A 1 2  ? 1.843   -16.931 -3.985  1.00 0.00 ? 2  DC  A "H4'"  1 
ATOM   51  H "H3'"  . DC  A 1 2  ? 2.797   -14.394 -3.027  1.00 0.00 ? 2  DC  A "H3'"  1 
ATOM   52  H "H2'"  . DC  A 1 2  ? 1.099   -14.094 -1.498  1.00 0.00 ? 2  DC  A "H2'"  1 
ATOM   53  H "H2''" . DC  A 1 2  ? 0.149   -13.594 -2.912  1.00 0.00 ? 2  DC  A "H2''" 1 
ATOM   54  H "H1'"  . DC  A 1 2  ? -0.770  -15.755 -3.231  1.00 0.00 ? 2  DC  A "H1'"  1 
ATOM   55  H H41    . DC  A 1 2  ? -4.441  -15.453 1.786   1.00 0.00 ? 2  DC  A H41    1 
ATOM   56  H H42    . DC  A 1 2  ? -3.110  -15.345 2.955   1.00 0.00 ? 2  DC  A H42    1 
ATOM   57  H H5     . DC  A 1 2  ? -0.796  -15.460 2.229   1.00 0.00 ? 2  DC  A H5     1 
ATOM   58  H H6     . DC  A 1 2  ? 0.648   -15.518 0.239   1.00 0.00 ? 2  DC  A H6     1 
ATOM   59  P P      . DA  A 1 3  ? 1.558   -13.400 -5.506  1.00 0.00 ? 3  DA  A P      1 
ATOM   60  O OP1    . DA  A 1 3  ? 2.481   -13.407 -6.658  1.00 0.00 ? 3  DA  A OP1    1 
ATOM   61  O OP2    . DA  A 1 3  ? 1.581   -12.246 -4.580  1.00 0.00 ? 3  DA  A OP2    1 
ATOM   62  O "O5'"  . DA  A 1 3  ? 0.074   -13.635 -6.036  1.00 0.00 ? 3  DA  A "O5'"  1 
ATOM   63  C "C5'"  . DA  A 1 3  ? -0.561  -12.606 -6.726  1.00 0.00 ? 3  DA  A "C5'"  1 
ATOM   64  C "C4'"  . DA  A 1 3  ? -1.930  -12.974 -7.307  1.00 0.00 ? 3  DA  A "C4'"  1 
ATOM   65  O "O4'"  . DA  A 1 3  ? -2.811  -13.537 -6.338  1.00 0.00 ? 3  DA  A "O4'"  1 
ATOM   66  C "C3'"  . DA  A 1 3  ? -2.541  -11.644 -7.754  1.00 0.00 ? 3  DA  A "C3'"  1 
ATOM   67  O "O3'"  . DA  A 1 3  ? -3.410  -11.805 -8.864  1.00 0.00 ? 3  DA  A "O3'"  1 
ATOM   68  C "C2'"  . DA  A 1 3  ? -3.266  -11.216 -6.481  1.00 0.00 ? 3  DA  A "C2'"  1 
ATOM   69  C "C1'"  . DA  A 1 3  ? -3.702  -12.540 -5.862  1.00 0.00 ? 3  DA  A "C1'"  1 
ATOM   70  N N9     . DA  A 1 3  ? -3.636  -12.470 -4.388  1.00 0.00 ? 3  DA  A N9     1 
ATOM   71  C C8     . DA  A 1 3  ? -2.544  -12.651 -3.577  1.00 0.00 ? 3  DA  A C8     1 
ATOM   72  N N7     . DA  A 1 3  ? -2.786  -12.521 -2.297  1.00 0.00 ? 3  DA  A N7     1 
ATOM   73  C C5     . DA  A 1 3  ? -4.153  -12.200 -2.281  1.00 0.00 ? 3  DA  A C5     1 
ATOM   74  C C6     . DA  A 1 3  ? -5.098  -11.910 -1.270  1.00 0.00 ? 3  DA  A C6     1 
ATOM   75  N N6     . DA  A 1 3  ? -4.843  -11.925 0.024   1.00 0.00 ? 3  DA  A N6     1 
ATOM   76  N N1     . DA  A 1 3  ? -6.356  -11.596 -1.574  1.00 0.00 ? 3  DA  A N1     1 
ATOM   77  C C2     . DA  A 1 3  ? -6.712  -11.570 -2.852  1.00 0.00 ? 3  DA  A C2     1 
ATOM   78  N N3     . DA  A 1 3  ? -5.952  -11.831 -3.909  1.00 0.00 ? 3  DA  A N3     1 
ATOM   79  C C4     . DA  A 1 3  ? -4.673  -12.143 -3.548  1.00 0.00 ? 3  DA  A C4     1 
ATOM   80  H "H5'"  . DA  A 1 3  ? 0.081   -12.315 -7.548  1.00 0.00 ? 3  DA  A "H5'"  1 
ATOM   81  H "H5''" . DA  A 1 3  ? -0.640  -11.761 -6.055  1.00 0.00 ? 3  DA  A "H5''" 1 
ATOM   82  H "H4'"  . DA  A 1 3  ? -1.795  -13.651 -8.150  1.00 0.00 ? 3  DA  A "H4'"  1 
ATOM   83  H "H3'"  . DA  A 1 3  ? -1.750  -10.930 -7.993  1.00 0.00 ? 3  DA  A "H3'"  1 
ATOM   84  H "H2'"  . DA  A 1 3  ? -2.562  -10.707 -5.822  1.00 0.00 ? 3  DA  A "H2'"  1 
ATOM   85  H "H2''" . DA  A 1 3  ? -4.122  -10.578 -6.678  1.00 0.00 ? 3  DA  A "H2''" 1 
ATOM   86  H "H1'"  . DA  A 1 3  ? -4.722  -12.768 -6.182  1.00 0.00 ? 3  DA  A "H1'"  1 
ATOM   87  H H8     . DA  A 1 3  ? -1.573  -12.885 -3.993  1.00 0.00 ? 3  DA  A H8     1 
ATOM   88  H H61    . DA  A 1 3  ? -5.584  -11.698 0.679   1.00 0.00 ? 3  DA  A H61    1 
ATOM   89  H H62    . DA  A 1 3  ? -3.919  -12.175 0.339   1.00 0.00 ? 3  DA  A H62    1 
ATOM   90  H H2     . DA  A 1 3  ? -7.740  -11.301 -3.057  1.00 0.00 ? 3  DA  A H2     1 
ATOM   91  P P      . DA  A 1 4  ? -3.723  -10.568 -9.843  1.00 0.00 ? 4  DA  A P      1 
ATOM   92  O OP1    . DA  A 1 4  ? -4.508  -11.072 -10.990 1.00 0.00 ? 4  DA  A OP1    1 
ATOM   93  O OP2    . DA  A 1 4  ? -2.456  -9.865  -10.134 1.00 0.00 ? 4  DA  A OP2    1 
ATOM   94  O "O5'"  . DA  A 1 4  ? -4.637  -9.583  -8.962  1.00 0.00 ? 4  DA  A "O5'"  1 
ATOM   95  C "C5'"  . DA  A 1 4  ? -6.038  -9.781  -8.831  1.00 0.00 ? 4  DA  A "C5'"  1 
ATOM   96  C "C4'"  . DA  A 1 4  ? -6.683  -8.754  -7.893  1.00 0.00 ? 4  DA  A "C4'"  1 
ATOM   97  O "O4'"  . DA  A 1 4  ? -6.403  -9.082  -6.539  1.00 0.00 ? 4  DA  A "O4'"  1 
ATOM   98  C "C3'"  . DA  A 1 4  ? -6.220  -7.305  -8.143  1.00 0.00 ? 4  DA  A "C3'"  1 
ATOM   99  O "O3'"  . DA  A 1 4  ? -7.350  -6.495  -8.447  1.00 0.00 ? 4  DA  A "O3'"  1 
ATOM   100 C "C2'"  . DA  A 1 4  ? -5.540  -6.941  -6.821  1.00 0.00 ? 4  DA  A "C2'"  1 
ATOM   101 C "C1'"  . DA  A 1 4  ? -6.235  -7.871  -5.833  1.00 0.00 ? 4  DA  A "C1'"  1 
ATOM   102 N N9     . DA  A 1 4  ? -5.462  -8.122  -4.597  1.00 0.00 ? 4  DA  A N9     1 
ATOM   103 C C8     . DA  A 1 4  ? -4.151  -8.512  -4.445  1.00 0.00 ? 4  DA  A C8     1 
ATOM   104 N N7     . DA  A 1 4  ? -3.782  -8.706  -3.203  1.00 0.00 ? 4  DA  A N7     1 
ATOM   105 C C5     . DA  A 1 4  ? -4.946  -8.381  -2.484  1.00 0.00 ? 4  DA  A C5     1 
ATOM   106 C C6     . DA  A 1 4  ? -5.298  -8.324  -1.115  1.00 0.00 ? 4  DA  A C6     1 
ATOM   107 N N6     . DA  A 1 4  ? -4.494  -8.618  -0.112  1.00 0.00 ? 4  DA  A N6     1 
ATOM   108 N N1     . DA  A 1 4  ? -6.518  -7.943  -0.730  1.00 0.00 ? 4  DA  A N1     1 
ATOM   109 C C2     . DA  A 1 4  ? -7.405  -7.630  -1.665  1.00 0.00 ? 4  DA  A C2     1 
ATOM   110 N N3     . DA  A 1 4  ? -7.229  -7.637  -2.979  1.00 0.00 ? 4  DA  A N3     1 
ATOM   111 C C4     . DA  A 1 4  ? -5.966  -8.022  -3.324  1.00 0.00 ? 4  DA  A C4     1 
ATOM   112 H "H5'"  . DA  A 1 4  ? -6.246  -10.782 -8.450  1.00 0.00 ? 4  DA  A "H5'"  1 
ATOM   113 H "H5''" . DA  A 1 4  ? -6.501  -9.679  -9.812  1.00 0.00 ? 4  DA  A "H5''" 1 
ATOM   114 H "H4'"  . DA  A 1 4  ? -7.764  -8.801  -8.038  1.00 0.00 ? 4  DA  A "H4'"  1 
ATOM   115 H "H3'"  . DA  A 1 4  ? -5.495  -7.260  -8.958  1.00 0.00 ? 4  DA  A "H3'"  1 
ATOM   116 H "H2'"  . DA  A 1 4  ? -4.479  -7.175  -6.891  1.00 0.00 ? 4  DA  A "H2'"  1 
ATOM   117 H "H2''" . DA  A 1 4  ? -5.680  -5.899  -6.546  1.00 0.00 ? 4  DA  A "H2''" 1 
ATOM   118 H "H1'"  . DA  A 1 4  ? -7.213  -7.450  -5.576  1.00 0.00 ? 4  DA  A "H1'"  1 
ATOM   119 H H8     . DA  A 1 4  ? -3.492  -8.661  -5.292  1.00 0.00 ? 4  DA  A H8     1 
ATOM   120 H H61    . DA  A 1 4  ? -4.848  -8.544  0.836   1.00 0.00 ? 4  DA  A H61    1 
ATOM   121 H H62    . DA  A 1 4  ? -3.558  -8.934  -0.304  1.00 0.00 ? 4  DA  A H62    1 
ATOM   122 H H2     . DA  A 1 4  ? -8.385  -7.324  -1.320  1.00 0.00 ? 4  DA  A H2     1 
ATOM   123 P P      . DA  A 1 5  ? -7.222  -4.933  -8.826  1.00 0.00 ? 5  DA  A P      1 
ATOM   124 O OP1    . DA  A 1 5  ? -8.336  -4.582  -9.731  1.00 0.00 ? 5  DA  A OP1    1 
ATOM   125 O OP2    . DA  A 1 5  ? -5.844  -4.642  -9.276  1.00 0.00 ? 5  DA  A OP2    1 
ATOM   126 O "O5'"  . DA  A 1 5  ? -7.464  -4.211  -7.415  1.00 0.00 ? 5  DA  A "O5'"  1 
ATOM   127 C "C5'"  . DA  A 1 5  ? -8.755  -4.205  -6.815  1.00 0.00 ? 5  DA  A "C5'"  1 
ATOM   128 C "C4'"  . DA  A 1 5  ? -8.768  -3.464  -5.477  1.00 0.00 ? 5  DA  A "C4'"  1 
ATOM   129 O "O4'"  . DA  A 1 5  ? -8.086  -4.243  -4.505  1.00 0.00 ? 5  DA  A "O4'"  1 
ATOM   130 C "C3'"  . DA  A 1 5  ? -8.116  -2.070  -5.525  1.00 0.00 ? 5  DA  A "C3'"  1 
ATOM   131 O "O3'"  . DA  A 1 5  ? -9.083  -1.036  -5.380  1.00 0.00 ? 5  DA  A "O3'"  1 
ATOM   132 C "C2'"  . DA  A 1 5  ? -7.125  -2.121  -4.365  1.00 0.00 ? 5  DA  A "C2'"  1 
ATOM   133 C "C1'"  . DA  A 1 5  ? -7.541  -3.349  -3.565  1.00 0.00 ? 5  DA  A "C1'"  1 
ATOM   134 N N9     . DA  A 1 5  ? -6.383  -3.969  -2.892  1.00 0.00 ? 5  DA  A N9     1 
ATOM   135 C C8     . DA  A 1 5  ? -5.229  -4.472  -3.447  1.00 0.00 ? 5  DA  A C8     1 
ATOM   136 N N7     . DA  A 1 5  ? -4.354  -4.903  -2.573  1.00 0.00 ? 5  DA  A N7     1 
ATOM   137 C C5     . DA  A 1 5  ? -4.996  -4.654  -1.347  1.00 0.00 ? 5  DA  A C5     1 
ATOM   138 C C6     . DA  A 1 5  ? -4.667  -4.850  0.015   1.00 0.00 ? 5  DA  A C6     1 
ATOM   139 N N6     . DA  A 1 5  ? -3.537  -5.369  0.455   1.00 0.00 ? 5  DA  A N6     1 
ATOM   140 N N1     . DA  A 1 5  ? -5.518  -4.511  0.984   1.00 0.00 ? 5  DA  A N1     1 
ATOM   141 C C2     . DA  A 1 5  ? -6.687  -3.982  0.644   1.00 0.00 ? 5  DA  A C2     1 
ATOM   142 N N3     . DA  A 1 5  ? -7.134  -3.729  -0.578  1.00 0.00 ? 5  DA  A N3     1 
ATOM   143 C C4     . DA  A 1 5  ? -6.232  -4.094  -1.535  1.00 0.00 ? 5  DA  A C4     1 
ATOM   144 H "H5'"  . DA  A 1 5  ? -9.093  -5.228  -6.649  1.00 0.00 ? 5  DA  A "H5'"  1 
ATOM   145 H "H5''" . DA  A 1 5  ? -9.460  -3.712  -7.486  1.00 0.00 ? 5  DA  A "H5''" 1 
ATOM   146 H "H4'"  . DA  A 1 5  ? -9.805  -3.349  -5.157  1.00 0.00 ? 5  DA  A "H4'"  1 
ATOM   147 H "H3'"  . DA  A 1 5  ? -7.568  -1.939  -6.458  1.00 0.00 ? 5  DA  A "H3'"  1 
ATOM   148 H "H2'"  . DA  A 1 5  ? -6.123  -2.243  -4.771  1.00 0.00 ? 5  DA  A "H2'"  1 
ATOM   149 H "H2''" . DA  A 1 5  ? -7.165  -1.236  -3.740  1.00 0.00 ? 5  DA  A "H2''" 1 
ATOM   150 H "H1'"  . DA  A 1 5  ? -8.303  -3.063  -2.832  1.00 0.00 ? 5  DA  A "H1'"  1 
ATOM   151 H H8     . DA  A 1 5  ? -5.074  -4.503  -4.520  1.00 0.00 ? 5  DA  A H8     1 
ATOM   152 H H61    . DA  A 1 5  ? -3.415  -5.513  1.451   1.00 0.00 ? 5  DA  A H61    1 
ATOM   153 H H62    . DA  A 1 5  ? -2.835  -5.648  -0.214  1.00 0.00 ? 5  DA  A H62    1 
ATOM   154 H H2     . DA  A 1 5  ? -7.353  -3.723  1.457   1.00 0.00 ? 5  DA  A H2     1 
ATOM   155 P P      . DG  A 1 6  ? -8.683  0.529   -5.428  1.00 0.00 ? 6  DG  A P      1 
ATOM   156 O OP1    . DG  A 1 6  ? -9.816  1.285   -6.001  1.00 0.00 ? 6  DG  A OP1    1 
ATOM   157 O OP2    . DG  A 1 6  ? -7.355  0.683   -6.059  1.00 0.00 ? 6  DG  A OP2    1 
ATOM   158 O "O5'"  . DG  A 1 6  ? -8.545  0.915   -3.878  1.00 0.00 ? 6  DG  A "O5'"  1 
ATOM   159 C "C5'"  . DG  A 1 6  ? -9.691  0.949   -3.038  1.00 0.00 ? 6  DG  A "C5'"  1 
ATOM   160 C "C4'"  . DG  A 1 6  ? -9.338  1.309   -1.599  1.00 0.00 ? 6  DG  A "C4'"  1 
ATOM   161 O "O4'"  . DG  A 1 6  ? -8.571  0.267   -1.027  1.00 0.00 ? 6  DG  A "O4'"  1 
ATOM   162 C "C3'"  . DG  A 1 6  ? -8.553  2.617   -1.499  1.00 0.00 ? 6  DG  A "C3'"  1 
ATOM   163 O "O3'"  . DG  A 1 6  ? -9.350  3.601   -0.877  1.00 0.00 ? 6  DG  A "O3'"  1 
ATOM   164 C "C2'"  . DG  A 1 6  ? -7.366  2.264   -0.625  1.00 0.00 ? 6  DG  A "C2'"  1 
ATOM   165 C "C1'"  . DG  A 1 6  ? -7.652  0.852   -0.136  1.00 0.00 ? 6  DG  A "C1'"  1 
ATOM   166 N N9     . DG  A 1 6  ? -6.409  0.064   -0.125  1.00 0.00 ? 6  DG  A N9     1 
ATOM   167 C C8     . DG  A 1 6  ? -5.607  -0.303  -1.179  1.00 0.00 ? 6  DG  A C8     1 
ATOM   168 N N7     . DG  A 1 6  ? -4.512  -0.927  -0.827  1.00 0.00 ? 6  DG  A N7     1 
ATOM   169 C C5     . DG  A 1 6  ? -4.594  -0.953  0.574   1.00 0.00 ? 6  DG  A C5     1 
ATOM   170 C C6     . DG  A 1 6  ? -3.696  -1.456  1.579   1.00 0.00 ? 6  DG  A C6     1 
ATOM   171 O O6     . DG  A 1 6  ? -2.602  -2.006  1.440   1.00 0.00 ? 6  DG  A O6     1 
ATOM   172 N N1     . DG  A 1 6  ? -4.149  -1.259  2.869   1.00 0.00 ? 6  DG  A N1     1 
ATOM   173 C C2     . DG  A 1 6  ? -5.311  -0.633  3.175   1.00 0.00 ? 6  DG  A C2     1 
ATOM   174 N N2     . DG  A 1 6  ? -5.595  -0.466  4.434   1.00 0.00 ? 6  DG  A N2     1 
ATOM   175 N N3     . DG  A 1 6  ? -6.165  -0.139  2.289   1.00 0.00 ? 6  DG  A N3     1 
ATOM   176 C C4     . DG  A 1 6  ? -5.751  -0.342  1.004   1.00 0.00 ? 6  DG  A C4     1 
ATOM   177 H "H5'"  . DG  A 1 6  ? -10.179 -0.025  -3.037  1.00 0.00 ? 6  DG  A "H5'"  1 
ATOM   178 H "H5''" . DG  A 1 6  ? -10.389 1.697   -3.411  1.00 0.00 ? 6  DG  A "H5''" 1 
ATOM   179 H "H4'"  . DG  A 1 6  ? -10.258 1.424   -1.026  1.00 0.00 ? 6  DG  A "H4'"  1 
ATOM   180 H "H3'"  . DG  A 1 6  ? -8.207  2.942   -2.480  1.00 0.00 ? 6  DG  A "H3'"  1 
ATOM   181 H "H2'"  . DG  A 1 6  ? -6.467  2.296   -1.230  1.00 0.00 ? 6  DG  A "H2'"  1 
ATOM   182 H "H2''" . DG  A 1 6  ? -7.277  2.945   0.215   1.00 0.00 ? 6  DG  A "H2''" 1 
ATOM   183 H "H1'"  . DG  A 1 6  ? -8.084  0.901   0.867   1.00 0.00 ? 6  DG  A "H1'"  1 
ATOM   184 H H8     . DG  A 1 6  ? -5.881  -0.077  -2.202  1.00 0.00 ? 6  DG  A H8     1 
ATOM   185 H H1     . DG  A 1 6  ? -3.560  -1.592  3.616   1.00 0.00 ? 6  DG  A H1     1 
ATOM   186 H H21    . DG  A 1 6  ? -4.978  -0.846  5.147   1.00 0.00 ? 6  DG  A H21    1 
ATOM   187 H H22    . DG  A 1 6  ? -6.461  -0.010  4.661   1.00 0.00 ? 6  DG  A H22    1 
HETATM 188 C C1     . ORP A 1 7  ? -9.371  3.616   3.974   1.00 0.00 ? 7  ORP A C1     1 
HETATM 189 O O1     . ORP A 1 7  ? -10.278 3.811   5.035   1.00 0.00 ? 7  ORP A O1     1 
HETATM 190 C C2     . ORP A 1 7  ? -8.032  4.249   4.303   1.00 0.00 ? 7  ORP A C2     1 
HETATM 191 C C3     . ORP A 1 7  ? -8.249  5.704   3.911   1.00 0.00 ? 7  ORP A C3     1 
HETATM 192 O O3     . ORP A 1 7  ? -8.768  6.455   4.995   1.00 0.00 ? 7  ORP A O3     1 
HETATM 193 C C4     . ORP A 1 7  ? -9.299  5.599   2.803   1.00 0.00 ? 7  ORP A C4     1 
HETATM 194 O O4     . ORP A 1 7  ? -9.789  4.262   2.798   1.00 0.00 ? 7  ORP A O4     1 
HETATM 195 C C5     . ORP A 1 7  ? -8.632  5.910   1.468   1.00 0.00 ? 7  ORP A C5     1 
HETATM 196 O O5     . ORP A 1 7  ? -9.521  5.684   0.407   1.00 0.00 ? 7  ORP A O5     1 
HETATM 197 P P      . ORP A 1 7  ? -9.016  5.156   -1.013  1.00 0.00 ? 7  ORP A P      1 
HETATM 198 O O1P    . ORP A 1 7  ? -9.892  5.742   -2.046  1.00 0.00 ? 7  ORP A O1P    1 
HETATM 199 O O2P    . ORP A 1 7  ? -7.554  5.335   -1.139  1.00 0.00 ? 7  ORP A O2P    1 
HETATM 200 H H1     . ORP A 1 7  ? -9.252  2.549   3.785   1.00 0.00 ? 7  ORP A H1     1 
HETATM 201 H HO1    . ORP A 1 7  ? -11.163 3.862   4.639   1.00 0.00 ? 7  ORP A HO1    1 
HETATM 202 H H21    . ORP A 1 7  ? -7.265  3.805   3.669   1.00 0.00 ? 7  ORP A H21    1 
HETATM 203 H H22    . ORP A 1 7  ? -7.779  4.142   5.355   1.00 0.00 ? 7  ORP A H22    1 
HETATM 204 H H3     . ORP A 1 7  ? -7.314  6.130   3.539   1.00 0.00 ? 7  ORP A H3     1 
HETATM 205 H H4     . ORP A 1 7  ? -10.112 6.302   2.987   1.00 0.00 ? 7  ORP A H4     1 
HETATM 206 H H51    . ORP A 1 7  ? -8.338  6.954   1.427   1.00 0.00 ? 7  ORP A H51    1 
HETATM 207 H H52    . ORP A 1 7  ? -7.743  5.296   1.373   1.00 0.00 ? 7  ORP A H52    1 
ATOM   208 P P      . DA  A 1 8  ? -8.099  7.841   5.419   1.00 0.00 ? 8  DA  A P      1 
ATOM   209 O OP1    . DA  A 1 8  ? -8.965  8.493   6.423   1.00 0.00 ? 8  DA  A OP1    1 
ATOM   210 O OP2    . DA  A 1 8  ? -7.750  8.595   4.197   1.00 0.00 ? 8  DA  A OP2    1 
ATOM   211 O "O5'"  . DA  A 1 8  ? -6.744  7.350   6.123   1.00 0.00 ? 8  DA  A "O5'"  1 
ATOM   212 C "C5'"  . DA  A 1 8  ? -6.783  6.641   7.354   1.00 0.00 ? 8  DA  A "C5'"  1 
ATOM   213 C "C4'"  . DA  A 1 8  ? -5.382  6.408   7.926   1.00 0.00 ? 8  DA  A "C4'"  1 
ATOM   214 O "O4'"  . DA  A 1 8  ? -4.704  5.421   7.161   1.00 0.00 ? 8  DA  A "O4'"  1 
ATOM   215 C "C3'"  . DA  A 1 8  ? -4.539  7.693   7.965   1.00 0.00 ? 8  DA  A "C3'"  1 
ATOM   216 O "O3'"  . DA  A 1 8  ? -4.069  7.930   9.287   1.00 0.00 ? 8  DA  A "O3'"  1 
ATOM   217 C "C2'"  . DA  A 1 8  ? -3.427  7.397   6.962   1.00 0.00 ? 8  DA  A "C2'"  1 
ATOM   218 C "C1'"  . DA  A 1 8  ? -3.395  5.876   6.875   1.00 0.00 ? 8  DA  A "C1'"  1 
ATOM   219 N N9     . DA  A 1 8  ? -3.019  5.441   5.515   1.00 0.00 ? 8  DA  A N9     1 
ATOM   220 C C8     . DA  A 1 8  ? -3.752  5.543   4.355   1.00 0.00 ? 8  DA  A C8     1 
ATOM   221 N N7     . DA  A 1 8  ? -3.140  5.094   3.287   1.00 0.00 ? 8  DA  A N7     1 
ATOM   222 C C5     . DA  A 1 8  ? -1.900  4.672   3.799   1.00 0.00 ? 8  DA  A C5     1 
ATOM   223 C C6     . DA  A 1 8  ? -0.736  4.083   3.248   1.00 0.00 ? 8  DA  A C6     1 
ATOM   224 N N6     . DA  A 1 8  ? -0.574  3.769   1.976   1.00 0.00 ? 8  DA  A N6     1 
ATOM   225 N N1     . DA  A 1 8  ? 0.311   3.779   4.013   1.00 0.00 ? 8  DA  A N1     1 
ATOM   226 C C2     . DA  A 1 8  ? 0.245   4.052   5.308   1.00 0.00 ? 8  DA  A C2     1 
ATOM   227 N N3     . DA  A 1 8  ? -0.764  4.604   5.973   1.00 0.00 ? 8  DA  A N3     1 
ATOM   228 C C4     . DA  A 1 8  ? -1.817  4.885   5.151   1.00 0.00 ? 8  DA  A C4     1 
ATOM   229 H "H5'"  . DA  A 1 8  ? -7.280  5.678   7.218   1.00 0.00 ? 8  DA  A "H5'"  1 
ATOM   230 H "H5''" . DA  A 1 8  ? -7.349  7.220   8.083   1.00 0.00 ? 8  DA  A "H5''" 1 
ATOM   231 H "H4'"  . DA  A 1 8  ? -5.496  6.034   8.945   1.00 0.00 ? 8  DA  A "H4'"  1 
ATOM   232 H "H3'"  . DA  A 1 8  ? -5.128  8.546   7.619   1.00 0.00 ? 8  DA  A "H3'"  1 
ATOM   233 H "H2'"  . DA  A 1 8  ? -3.698  7.833   5.999   1.00 0.00 ? 8  DA  A "H2'"  1 
ATOM   234 H "H2''" . DA  A 1 8  ? -2.461  7.777   7.280   1.00 0.00 ? 8  DA  A "H2''" 1 
ATOM   235 H "H1'"  . DA  A 1 8  ? -2.689  5.481   7.613   1.00 0.00 ? 8  DA  A "H1'"  1 
ATOM   236 H H8     . DA  A 1 8  ? -4.753  5.959   4.349   1.00 0.00 ? 8  DA  A H8     1 
ATOM   237 H H61    . DA  A 1 8  ? 0.291   3.329   1.687   1.00 0.00 ? 8  DA  A H61    1 
ATOM   238 H H62    . DA  A 1 8  ? -1.315  3.964   1.320   1.00 0.00 ? 8  DA  A H62    1 
ATOM   239 H H2     . DA  A 1 8  ? 1.115   3.789   5.895   1.00 0.00 ? 8  DA  A H2     1 
ATOM   240 P P      . DC  A 1 9  ? -3.349  9.311   9.708   1.00 0.00 ? 9  DC  A P      1 
ATOM   241 O OP1    . DC  A 1 9  ? -3.437  9.452   11.177  1.00 0.00 ? 9  DC  A OP1    1 
ATOM   242 O OP2    . DC  A 1 9  ? -3.881  10.409  8.873   1.00 0.00 ? 9  DC  A OP2    1 
ATOM   243 O "O5'"  . DC  A 1 9  ? -1.813  9.072   9.309   1.00 0.00 ? 9  DC  A "O5'"  1 
ATOM   244 C "C5'"  . DC  A 1 9  ? -1.054  8.048   9.936   1.00 0.00 ? 9  DC  A "C5'"  1 
ATOM   245 C "C4'"  . DC  A 1 9  ? 0.354   7.937   9.352   1.00 0.00 ? 9  DC  A "C4'"  1 
ATOM   246 O "O4'"  . DC  A 1 9  ? 0.283   7.392   8.042   1.00 0.00 ? 9  DC  A "O4'"  1 
ATOM   247 C "C3'"  . DC  A 1 9  ? 1.126   9.269   9.284   1.00 0.00 ? 9  DC  A "C3'"  1 
ATOM   248 O "O3'"  . DC  A 1 9  ? 2.344   9.121   10.009  1.00 0.00 ? 9  DC  A "O3'"  1 
ATOM   249 C "C2'"  . DC  A 1 9  ? 1.336   9.455   7.779   1.00 0.00 ? 9  DC  A "C2'"  1 
ATOM   250 C "C1'"  . DC  A 1 9  ? 1.283   8.016   7.269   1.00 0.00 ? 9  DC  A "C1'"  1 
ATOM   251 N N1     . DC  A 1 9  ? 0.950   7.888   5.824   1.00 0.00 ? 9  DC  A N1     1 
ATOM   252 C C2     . DC  A 1 9  ? 1.826   7.173   5.002   1.00 0.00 ? 9  DC  A C2     1 
ATOM   253 O O2     . DC  A 1 9  ? 2.853   6.654   5.438   1.00 0.00 ? 9  DC  A O2     1 
ATOM   254 N N3     . DC  A 1 9  ? 1.574   7.018   3.683   1.00 0.00 ? 9  DC  A N3     1 
ATOM   255 C C4     . DC  A 1 9  ? 0.473   7.536   3.193   1.00 0.00 ? 9  DC  A C4     1 
ATOM   256 N N4     . DC  A 1 9  ? 0.297   7.346   1.920   1.00 0.00 ? 9  DC  A N4     1 
ATOM   257 C C5     . DC  A 1 9  ? -0.483  8.238   3.972   1.00 0.00 ? 9  DC  A C5     1 
ATOM   258 C C6     . DC  A 1 9  ? -0.210  8.403   5.293   1.00 0.00 ? 9  DC  A C6     1 
ATOM   259 H "H5'"  . DC  A 1 9  ? -1.554  7.085   9.813   1.00 0.00 ? 9  DC  A "H5'"  1 
ATOM   260 H "H5''" . DC  A 1 9  ? -0.974  8.259   11.002  1.00 0.00 ? 9  DC  A "H5''" 1 
ATOM   261 H "H4'"  . DC  A 1 9  ? 0.919   7.246   9.979   1.00 0.00 ? 9  DC  A "H4'"  1 
ATOM   262 H "H3'"  . DC  A 1 9  ? 0.531   10.090  9.692   1.00 0.00 ? 9  DC  A "H3'"  1 
ATOM   263 H "H2'"  . DC  A 1 9  ? 0.518   10.046  7.372   1.00 0.00 ? 9  DC  A "H2'"  1 
ATOM   264 H "H2''" . DC  A 1 9  ? 2.288   9.924   7.541   1.00 0.00 ? 9  DC  A "H2''" 1 
ATOM   265 H "H1'"  . DC  A 1 9  ? 2.249   7.547   7.487   1.00 0.00 ? 9  DC  A "H1'"  1 
ATOM   266 H H41    . DC  A 1 9  ? 1.017   6.808   1.449   1.00 0.00 ? 9  DC  A H41    1 
ATOM   267 H H42    . DC  A 1 9  ? -0.526  7.690   1.458   1.00 0.00 ? 9  DC  A H42    1 
ATOM   268 H H5     . DC  A 1 9  ? -1.396  8.630   3.548   1.00 0.00 ? 9  DC  A H5     1 
ATOM   269 H H6     . DC  A 1 9  ? -0.905  8.925   5.940   1.00 0.00 ? 9  DC  A H6     1 
ATOM   270 P P      . DC  A 1 10 ? 3.416   10.310  10.186  1.00 0.00 ? 10 DC  A P      1 
ATOM   271 O OP1    . DC  A 1 10 ? 4.083   10.138  11.495  1.00 0.00 ? 10 DC  A OP1    1 
ATOM   272 O OP2    . DC  A 1 10 ? 2.766   11.608  9.907   1.00 0.00 ? 10 DC  A OP2    1 
ATOM   273 O "O5'"  . DC  A 1 10 ? 4.485   10.012  9.020   1.00 0.00 ? 10 DC  A "O5'"  1 
ATOM   274 C "C5'"  . DC  A 1 10 ? 5.314   8.854   9.072   1.00 0.00 ? 10 DC  A "C5'"  1 
ATOM   275 C "C4'"  . DC  A 1 10 ? 6.312   8.784   7.910   1.00 0.00 ? 10 DC  A "C4'"  1 
ATOM   276 O "O4'"  . DC  A 1 10 ? 5.640   8.432   6.711   1.00 0.00 ? 10 DC  A "O4'"  1 
ATOM   277 C "C3'"  . DC  A 1 10 ? 7.100   10.086  7.663   1.00 0.00 ? 10 DC  A "C3'"  1 
ATOM   278 O "O3'"  . DC  A 1 10 ? 8.483   9.856   7.917   1.00 0.00 ? 10 DC  A "O3'"  1 
ATOM   279 C "C2'"  . DC  A 1 10 ? 6.797   10.391  6.193   1.00 0.00 ? 10 DC  A "C2'"  1 
ATOM   280 C "C1'"  . DC  A 1 10 ? 6.329   9.045   5.643   1.00 0.00 ? 10 DC  A "C1'"  1 
ATOM   281 N N1     . DC  A 1 10 ? 5.413   9.181   4.478   1.00 0.00 ? 10 DC  A N1     1 
ATOM   282 C C2     . DC  A 1 10 ? 5.825   8.694   3.231   1.00 0.00 ? 10 DC  A C2     1 
ATOM   283 O O2     . DC  A 1 10 ? 6.919   8.153   3.068   1.00 0.00 ? 10 DC  A O2     1 
ATOM   284 N N3     . DC  A 1 10 ? 5.026   8.802   2.145   1.00 0.00 ? 10 DC  A N3     1 
ATOM   285 C C4     . DC  A 1 10 ? 3.853   9.383   2.291   1.00 0.00 ? 10 DC  A C4     1 
ATOM   286 N N4     . DC  A 1 10 ? 3.135   9.465   1.211   1.00 0.00 ? 10 DC  A N4     1 
ATOM   287 C C5     . DC  A 1 10 ? 3.370   9.893   3.526   1.00 0.00 ? 10 DC  A C5     1 
ATOM   288 C C6     . DC  A 1 10 ? 4.180   9.772   4.608   1.00 0.00 ? 10 DC  A C6     1 
ATOM   289 H "H5'"  . DC  A 1 10 ? 4.694   7.956   9.050   1.00 0.00 ? 10 DC  A "H5'"  1 
ATOM   290 H "H5''" . DC  A 1 10 ? 5.881   8.853   10.002  1.00 0.00 ? 10 DC  A "H5''" 1 
ATOM   291 H "H4'"  . DC  A 1 10 ? 7.028   7.990   8.134   1.00 0.00 ? 10 DC  A "H4'"  1 
ATOM   292 H "H3'"  . DC  A 1 10 ? 6.727   10.894  8.295   1.00 0.00 ? 10 DC  A "H3'"  1 
ATOM   293 H "H2'"  . DC  A 1 10 ? 6.002   11.135  6.137   1.00 0.00 ? 10 DC  A "H2'"  1 
ATOM   294 H "H2''" . DC  A 1 10 ? 7.669   10.745  5.650   1.00 0.00 ? 10 DC  A "H2''" 1 
ATOM   295 H "H1'"  . DC  A 1 10 ? 7.211   8.451   5.381   1.00 0.00 ? 10 DC  A "H1'"  1 
ATOM   296 H H41    . DC  A 1 10 ? 3.546   9.104   0.358   1.00 0.00 ? 10 DC  A H41    1 
ATOM   297 H H42    . DC  A 1 10 ? 2.215   9.867   1.246   1.00 0.00 ? 10 DC  A H42    1 
ATOM   298 H H5     . DC  A 1 10 ? 2.400   10.357  3.621   1.00 0.00 ? 10 DC  A H5     1 
ATOM   299 H H6     . DC  A 1 10 ? 3.865   10.129  5.583   1.00 0.00 ? 10 DC  A H6     1 
ATOM   300 P P      . DG  A 1 11 ? 9.593   11.022  7.825   1.00 0.00 ? 11 DG  A P      1 
ATOM   301 O OP1    . DG  A 1 11 ? 10.651  10.739  8.820   1.00 0.00 ? 11 DG  A OP1    1 
ATOM   302 O OP2    . DG  A 1 11 ? 8.929   12.341  7.877   1.00 0.00 ? 11 DG  A OP2    1 
ATOM   303 O "O5'"  . DG  A 1 11 ? 10.206  10.829  6.351   1.00 0.00 ? 11 DG  A "O5'"  1 
ATOM   304 C "C5'"  . DG  A 1 11 ? 10.967  9.672   6.026   1.00 0.00 ? 11 DG  A "C5'"  1 
ATOM   305 C "C4'"  . DG  A 1 11 ? 11.593  9.748   4.631   1.00 0.00 ? 11 DG  A "C4'"  1 
ATOM   306 O "O4'"  . DG  A 1 11 ? 10.587  9.563   3.645   1.00 0.00 ? 11 DG  A "O4'"  1 
ATOM   307 C "C3'"  . DG  A 1 11 ? 12.319  11.077  4.355   1.00 0.00 ? 11 DG  A "C3'"  1 
ATOM   308 O "O3'"  . DG  A 1 11 ? 13.593  10.795  3.784   1.00 0.00 ? 11 DG  A "O3'"  1 
ATOM   309 C "C2'"  . DG  A 1 11 ? 11.352  11.771  3.396   1.00 0.00 ? 11 DG  A "C2'"  1 
ATOM   310 C "C1'"  . DG  A 1 11 ? 10.723  10.583  2.675   1.00 0.00 ? 11 DG  A "C1'"  1 
ATOM   311 N N9     . DG  A 1 11 ? 9.398   10.894  2.098   1.00 0.00 ? 11 DG  A N9     1 
ATOM   312 C C8     . DG  A 1 11 ? 8.305   11.476  2.694   1.00 0.00 ? 11 DG  A C8     1 
ATOM   313 N N7     . DG  A 1 11 ? 7.282   11.646  1.897   1.00 0.00 ? 11 DG  A N7     1 
ATOM   314 C C5     . DG  A 1 11 ? 7.744   11.145  0.672   1.00 0.00 ? 11 DG  A C5     1 
ATOM   315 C C6     . DG  A 1 11 ? 7.125   11.071  -0.623  1.00 0.00 ? 11 DG  A C6     1 
ATOM   316 O O6     . DG  A 1 11 ? 6.000   11.438  -0.964  1.00 0.00 ? 11 DG  A O6     1 
ATOM   317 N N1     . DG  A 1 11 ? 7.937   10.516  -1.594  1.00 0.00 ? 11 DG  A N1     1 
ATOM   318 C C2     . DG  A 1 11 ? 9.197   10.077  -1.361  1.00 0.00 ? 11 DG  A C2     1 
ATOM   319 N N2     . DG  A 1 11 ? 9.867   9.609   -2.375  1.00 0.00 ? 11 DG  A N2     1 
ATOM   320 N N3     . DG  A 1 11 ? 9.813   10.124  -0.187  1.00 0.00 ? 11 DG  A N3     1 
ATOM   321 C C4     . DG  A 1 11 ? 9.033   10.673  0.794   1.00 0.00 ? 11 DG  A C4     1 
ATOM   322 H "H5'"  . DG  A 1 11 ? 10.334  8.785   6.081   1.00 0.00 ? 11 DG  A "H5'"  1 
ATOM   323 H "H5''" . DG  A 1 11 ? 11.776  9.561   6.748   1.00 0.00 ? 11 DG  A "H5''" 1 
ATOM   324 H "H4'"  . DG  A 1 11 ? 12.312  8.931   4.545   1.00 0.00 ? 11 DG  A "H4'"  1 
ATOM   325 H "H3'"  . DG  A 1 11 ? 12.431  11.659  5.274   1.00 0.00 ? 11 DG  A "H3'"  1 
ATOM   326 H "H2'"  . DG  A 1 11 ? 10.607  12.316  3.974   1.00 0.00 ? 11 DG  A "H2'"  1 
ATOM   327 H "H2''" . DG  A 1 11 ? 11.851  12.442  2.700   1.00 0.00 ? 11 DG  A "H2''" 1 
ATOM   328 H "H1'"  . DG  A 1 11 ? 11.403  10.253  1.885   1.00 0.00 ? 11 DG  A "H1'"  1 
ATOM   329 H H8     . DG  A 1 11 ? 8.306   11.762  3.739   1.00 0.00 ? 11 DG  A H8     1 
ATOM   330 H H1     . DG  A 1 11 ? 7.562   10.460  -2.528  1.00 0.00 ? 11 DG  A H1     1 
ATOM   331 H H21    . DG  A 1 11 ? 9.442   9.561   -3.297  1.00 0.00 ? 11 DG  A H21    1 
ATOM   332 H H22    . DG  A 1 11 ? 10.806  9.294   -2.202  1.00 0.00 ? 11 DG  A H22    1 
ATOM   333 P P      . DG  A 1 12 ? 14.660  11.943  3.406   1.00 0.00 ? 12 DG  A P      1 
ATOM   334 O OP1    . DG  A 1 12 ? 16.016  11.369  3.544   1.00 0.00 ? 12 DG  A OP1    1 
ATOM   335 O OP2    . DG  A 1 12 ? 14.351  13.179  4.155   1.00 0.00 ? 12 DG  A OP2    1 
ATOM   336 O "O5'"  . DG  A 1 12 ? 14.365  12.208  1.849   1.00 0.00 ? 12 DG  A "O5'"  1 
ATOM   337 C "C5'"  . DG  A 1 12 ? 14.674  11.225  0.869   1.00 0.00 ? 12 DG  A "C5'"  1 
ATOM   338 C "C4'"  . DG  A 1 12 ? 14.249  11.658  -0.538  1.00 0.00 ? 12 DG  A "C4'"  1 
ATOM   339 O "O4'"  . DG  A 1 12 ? 12.835  11.676  -0.624  1.00 0.00 ? 12 DG  A "O4'"  1 
ATOM   340 C "C3'"  . DG  A 1 12 ? 14.753  13.046  -0.965  1.00 0.00 ? 12 DG  A "C3'"  1 
ATOM   341 O "O3'"  . DG  A 1 12 ? 15.905  12.950  -1.797  1.00 0.00 ? 12 DG  A "O3'"  1 
ATOM   342 C "C2'"  . DG  A 1 12 ? 13.544  13.637  -1.695  1.00 0.00 ? 12 DG  A "C2'"  1 
ATOM   343 C "C1'"  . DG  A 1 12 ? 12.508  12.517  -1.708  1.00 0.00 ? 12 DG  A "C1'"  1 
ATOM   344 N N9     . DG  A 1 12 ? 11.143  13.061  -1.566  1.00 0.00 ? 12 DG  A N9     1 
ATOM   345 C C8     . DG  A 1 12 ? 10.532  13.570  -0.446  1.00 0.00 ? 12 DG  A C8     1 
ATOM   346 N N7     . DG  A 1 12 ? 9.321   14.019  -0.653  1.00 0.00 ? 12 DG  A N7     1 
ATOM   347 C C5     . DG  A 1 12 ? 9.125   13.806  -2.027  1.00 0.00 ? 12 DG  A C5     1 
ATOM   348 C C6     . DG  A 1 12 ? 8.005   14.075  -2.893  1.00 0.00 ? 12 DG  A C6     1 
ATOM   349 O O6     . DG  A 1 12 ? 6.910   14.571  -2.621  1.00 0.00 ? 12 DG  A O6     1 
ATOM   350 N N1     . DG  A 1 12 ? 8.225   13.711  -4.206  1.00 0.00 ? 12 DG  A N1     1 
ATOM   351 C C2     . DG  A 1 12 ? 9.367   13.129  -4.647  1.00 0.00 ? 12 DG  A C2     1 
ATOM   352 N N2     . DG  A 1 12 ? 9.439   12.815  -5.909  1.00 0.00 ? 12 DG  A N2     1 
ATOM   353 N N3     . DG  A 1 12 ? 10.425  12.860  -3.893  1.00 0.00 ? 12 DG  A N3     1 
ATOM   354 C C4     . DG  A 1 12 ? 10.242  13.222  -2.587  1.00 0.00 ? 12 DG  A C4     1 
ATOM   355 H "H5'"  . DG  A 1 12 ? 14.165  10.289  1.109   1.00 0.00 ? 12 DG  A "H5'"  1 
ATOM   356 H "H5''" . DG  A 1 12 ? 15.749  11.042  0.865   1.00 0.00 ? 12 DG  A "H5''" 1 
ATOM   357 H "H4'"  . DG  A 1 12 ? 14.627  10.924  -1.253  1.00 0.00 ? 12 DG  A "H4'"  1 
ATOM   358 H "H3'"  . DG  A 1 12 ? 14.966  13.650  -0.081  1.00 0.00 ? 12 DG  A "H3'"  1 
ATOM   359 H "H2'"  . DG  A 1 12 ? 13.181  14.501  -1.140  1.00 0.00 ? 12 DG  A "H2'"  1 
ATOM   360 H "H2''" . DG  A 1 12 ? 13.769  13.916  -2.721  1.00 0.00 ? 12 DG  A "H2''" 1 
ATOM   361 H "H1'"  . DG  A 1 12 ? 12.590  11.962  -2.647  1.00 0.00 ? 12 DG  A "H1'"  1 
ATOM   362 H H8     . DG  A 1 12 ? 11.028  13.576  0.519   1.00 0.00 ? 12 DG  A H8     1 
ATOM   363 H H1     . DG  A 1 12 ? 7.476   13.883  -4.859  1.00 0.00 ? 12 DG  A H1     1 
ATOM   364 H H21    . DG  A 1 12 ? 8.677   13.044  -6.542  1.00 0.00 ? 12 DG  A H21    1 
ATOM   365 H H22    . DG  A 1 12 ? 10.294  12.402  -6.236  1.00 0.00 ? 12 DG  A H22    1 
ATOM   366 P P      . DG  A 1 13 ? 16.719  14.253  -2.297  1.00 0.00 ? 13 DG  A P      1 
ATOM   367 O OP1    . DG  A 1 13 ? 18.085  13.824  -2.665  1.00 0.00 ? 13 DG  A OP1    1 
ATOM   368 O OP2    . DG  A 1 13 ? 16.583  15.323  -1.287  1.00 0.00 ? 13 DG  A OP2    1 
ATOM   369 O "O5'"  . DG  A 1 13 ? 15.959  14.730  -3.634  1.00 0.00 ? 13 DG  A "O5'"  1 
ATOM   370 C "C5'"  . DG  A 1 13 ? 15.940  13.905  -4.792  1.00 0.00 ? 13 DG  A "C5'"  1 
ATOM   371 C "C4'"  . DG  A 1 13 ? 15.092  14.488  -5.928  1.00 0.00 ? 13 DG  A "C4'"  1 
ATOM   372 O "O4'"  . DG  A 1 13 ? 13.722  14.537  -5.553  1.00 0.00 ? 13 DG  A "O4'"  1 
ATOM   373 C "C3'"  . DG  A 1 13 ? 15.523  15.895  -6.375  1.00 0.00 ? 13 DG  A "C3'"  1 
ATOM   374 O "O3'"  . DG  A 1 13 ? 15.667  15.915  -7.791  1.00 0.00 ? 13 DG  A "O3'"  1 
ATOM   375 C "C2'"  . DG  A 1 13 ? 14.347  16.768  -5.950  1.00 0.00 ? 13 DG  A "C2'"  1 
ATOM   376 C "C1'"  . DG  A 1 13 ? 13.188  15.771  -5.994  1.00 0.00 ? 13 DG  A "C1'"  1 
ATOM   377 N N9     . DG  A 1 13 ? 12.066  16.167  -5.116  1.00 0.00 ? 13 DG  A N9     1 
ATOM   378 C C8     . DG  A 1 13 ? 12.060  16.330  -3.753  1.00 0.00 ? 13 DG  A C8     1 
ATOM   379 N N7     . DG  A 1 13 ? 10.907  16.706  -3.261  1.00 0.00 ? 13 DG  A N7     1 
ATOM   380 C C5     . DG  A 1 13 ? 10.090  16.813  -4.397  1.00 0.00 ? 13 DG  A C5     1 
ATOM   381 C C6     . DG  A 1 13 ? 8.715   17.213  -4.554  1.00 0.00 ? 13 DG  A C6     1 
ATOM   382 O O6     . DG  A 1 13 ? 7.906   17.575  -3.698  1.00 0.00 ? 13 DG  A O6     1 
ATOM   383 N N1     . DG  A 1 13 ? 8.279   17.187  -5.864  1.00 0.00 ? 13 DG  A N1     1 
ATOM   384 C C2     . DG  A 1 13 ? 9.063   16.840  -6.913  1.00 0.00 ? 13 DG  A C2     1 
ATOM   385 N N2     . DG  A 1 13 ? 8.541   16.917  -8.105  1.00 0.00 ? 13 DG  A N2     1 
ATOM   386 N N3     . DG  A 1 13 ? 10.340  16.480  -6.825  1.00 0.00 ? 13 DG  A N3     1 
ATOM   387 C C4     . DG  A 1 13 ? 10.795  16.481  -5.535  1.00 0.00 ? 13 DG  A C4     1 
ATOM   388 H "H5'"  . DG  A 1 13 ? 15.541  12.923  -4.537  1.00 0.00 ? 13 DG  A "H5'"  1 
ATOM   389 H "H5''" . DG  A 1 13 ? 16.959  13.777  -5.158  1.00 0.00 ? 13 DG  A "H5''" 1 
ATOM   390 H "H4'"  . DG  A 1 13 ? 15.188  13.817  -6.784  1.00 0.00 ? 13 DG  A "H4'"  1 
ATOM   391 H "H3'"  . DG  A 1 13 ? 16.440  16.211  -5.867  1.00 0.00 ? 13 DG  A "H3'"  1 
ATOM   392 H "HO3'" . DG  A 1 13 ? 16.204  16.687  -8.059  1.00 0.00 ? 13 DG  A "HO3'" 1 
ATOM   393 H "H2'"  . DG  A 1 13 ? 14.512  17.125  -4.933  1.00 0.00 ? 13 DG  A "H2'"  1 
ATOM   394 H "H2''" . DG  A 1 13 ? 14.183  17.607  -6.627  1.00 0.00 ? 13 DG  A "H2''" 1 
ATOM   395 H "H1'"  . DG  A 1 13 ? 12.837  15.680  -7.025  1.00 0.00 ? 13 DG  A "H1'"  1 
ATOM   396 H H8     . DG  A 1 13 ? 12.947  16.151  -3.155  1.00 0.00 ? 13 DG  A H8     1 
ATOM   397 H H1     . DG  A 1 13 ? 7.331   17.473  -6.044  1.00 0.00 ? 13 DG  A H1     1 
ATOM   398 H H21    . DG  A 1 13 ? 7.585   17.237  -8.240  1.00 0.00 ? 13 DG  A H21    1 
ATOM   399 H H22    . DG  A 1 13 ? 9.126   16.664  -8.884  1.00 0.00 ? 13 DG  A H22    1 
ATOM   400 O "O5'"  . DC  B 2 1  ? -0.097  19.617  -8.677  1.00 0.00 ? 14 DC  B "O5'"  1 
ATOM   401 C "C5'"  . DC  B 2 1  ? 0.347   20.312  -9.844  1.00 0.00 ? 14 DC  B "C5'"  1 
ATOM   402 C "C4'"  . DC  B 2 1  ? 1.622   19.700  -10.447 1.00 0.00 ? 14 DC  B "C4'"  1 
ATOM   403 O "O4'"  . DC  B 2 1  ? 2.729   19.986  -9.597  1.00 0.00 ? 14 DC  B "O4'"  1 
ATOM   404 C "C3'"  . DC  B 2 1  ? 1.516   18.180  -10.651 1.00 0.00 ? 14 DC  B "C3'"  1 
ATOM   405 O "O3'"  . DC  B 2 1  ? 1.928   17.814  -11.964 1.00 0.00 ? 14 DC  B "O3'"  1 
ATOM   406 C "C2'"  . DC  B 2 1  ? 2.441   17.638  -9.563  1.00 0.00 ? 14 DC  B "C2'"  1 
ATOM   407 C "C1'"  . DC  B 2 1  ? 3.414   18.782  -9.292  1.00 0.00 ? 14 DC  B "C1'"  1 
ATOM   408 N N1     . DC  B 2 1  ? 3.870   18.777  -7.871  1.00 0.00 ? 14 DC  B N1     1 
ATOM   409 C C2     . DC  B 2 1  ? 5.150   18.299  -7.565  1.00 0.00 ? 14 DC  B C2     1 
ATOM   410 O O2     . DC  B 2 1  ? 5.926   17.904  -8.437  1.00 0.00 ? 14 DC  B O2     1 
ATOM   411 N N3     . DC  B 2 1  ? 5.595   18.257  -6.285  1.00 0.00 ? 14 DC  B N3     1 
ATOM   412 C C4     . DC  B 2 1  ? 4.792   18.677  -5.332  1.00 0.00 ? 14 DC  B C4     1 
ATOM   413 N N4     . DC  B 2 1  ? 5.285   18.653  -4.127  1.00 0.00 ? 14 DC  B N4     1 
ATOM   414 C C5     . DC  B 2 1  ? 3.478   19.159  -5.568  1.00 0.00 ? 14 DC  B C5     1 
ATOM   415 C C6     . DC  B 2 1  ? 3.044   19.195  -6.855  1.00 0.00 ? 14 DC  B C6     1 
ATOM   416 H "H5'"  . DC  B 2 1  ? 0.546   21.357  -9.600  1.00 0.00 ? 14 DC  B "H5'"  1 
ATOM   417 H "H5''" . DC  B 2 1  ? -0.435  20.281  -10.606 1.00 0.00 ? 14 DC  B "H5''" 1 
ATOM   418 H "H4'"  . DC  B 2 1  ? 1.795   20.168  -11.416 1.00 0.00 ? 14 DC  B "H4'"  1 
ATOM   419 H "H3'"  . DC  B 2 1  ? 0.490   17.849  -10.472 1.00 0.00 ? 14 DC  B "H3'"  1 
ATOM   420 H "H2'"  . DC  B 2 1  ? 1.849   17.413  -8.676  1.00 0.00 ? 14 DC  B "H2'"  1 
ATOM   421 H "H2''" . DC  B 2 1  ? 2.983   16.754  -9.884  1.00 0.00 ? 14 DC  B "H2''" 1 
ATOM   422 H "H1'"  . DC  B 2 1  ? 4.268   18.681  -9.971  1.00 0.00 ? 14 DC  B "H1'"  1 
ATOM   423 H H41    . DC  B 2 1  ? 6.223   18.285  -4.007  1.00 0.00 ? 14 DC  B H41    1 
ATOM   424 H H42    . DC  B 2 1  ? 4.744   18.994  -3.352  1.00 0.00 ? 14 DC  B H42    1 
ATOM   425 H H5     . DC  B 2 1  ? 2.837   19.494  -4.767  1.00 0.00 ? 14 DC  B H5     1 
ATOM   426 H H6     . DC  B 2 1  ? 2.053   19.561  -7.102  1.00 0.00 ? 14 DC  B H6     1 
ATOM   427 H "HO5'" . DC  B 2 1  ? -1.001  19.913  -8.443  1.00 0.00 ? 14 DC  B "HO5'" 1 
ATOM   428 P P      . DC  B 2 2  ? 1.635   16.347  -12.574 1.00 0.00 ? 15 DC  B P      1 
ATOM   429 O OP1    . DC  B 2 2  ? 1.768   16.425  -14.043 1.00 0.00 ? 15 DC  B OP1    1 
ATOM   430 O OP2    . DC  B 2 2  ? 0.358   15.844  -12.025 1.00 0.00 ? 15 DC  B OP2    1 
ATOM   431 O "O5'"  . DC  B 2 2  ? 2.823   15.425  -12.007 1.00 0.00 ? 15 DC  B "O5'"  1 
ATOM   432 C "C5'"  . DC  B 2 2  ? 4.165   15.613  -12.437 1.00 0.00 ? 15 DC  B "C5'"  1 
ATOM   433 C "C4'"  . DC  B 2 2  ? 5.145   14.707  -11.685 1.00 0.00 ? 15 DC  B "C4'"  1 
ATOM   434 O "O4'"  . DC  B 2 2  ? 5.289   15.162  -10.346 1.00 0.00 ? 15 DC  B "O4'"  1 
ATOM   435 C "C3'"  . DC  B 2 2  ? 4.748   13.218  -11.647 1.00 0.00 ? 15 DC  B "C3'"  1 
ATOM   436 O "O3'"  . DC  B 2 2  ? 5.771   12.452  -12.276 1.00 0.00 ? 15 DC  B "O3'"  1 
ATOM   437 C "C2'"  . DC  B 2 2  ? 4.622   12.940  -10.145 1.00 0.00 ? 15 DC  B "C2'"  1 
ATOM   438 C "C1'"  . DC  B 2 2  ? 5.505   14.027  -9.535  1.00 0.00 ? 15 DC  B "C1'"  1 
ATOM   439 N N1     . DC  B 2 2  ? 5.182   14.342  -8.115  1.00 0.00 ? 15 DC  B N1     1 
ATOM   440 C C2     . DC  B 2 2  ? 6.174   14.165  -7.146  1.00 0.00 ? 15 DC  B C2     1 
ATOM   441 O O2     . DC  B 2 2  ? 7.294   13.739  -7.427  1.00 0.00 ? 15 DC  B O2     1 
ATOM   442 N N3     . DC  B 2 2  ? 5.935   14.443  -5.844  1.00 0.00 ? 15 DC  B N3     1 
ATOM   443 C C4     . DC  B 2 2  ? 4.743   14.879  -5.508  1.00 0.00 ? 15 DC  B C4     1 
ATOM   444 N N4     . DC  B 2 2  ? 4.567   15.089  -4.236  1.00 0.00 ? 15 DC  B N4     1 
ATOM   445 C C5     . DC  B 2 2  ? 3.687   15.082  -6.436  1.00 0.00 ? 15 DC  B C5     1 
ATOM   446 C C6     . DC  B 2 2  ? 3.940   14.800  -7.741  1.00 0.00 ? 15 DC  B C6     1 
ATOM   447 H "H5'"  . DC  B 2 2  ? 4.463   16.651  -12.278 1.00 0.00 ? 15 DC  B "H5'"  1 
ATOM   448 H "H5''" . DC  B 2 2  ? 4.240   15.397  -13.505 1.00 0.00 ? 15 DC  B "H5''" 1 
ATOM   449 H "H4'"  . DC  B 2 2  ? 6.118   14.788  -12.174 1.00 0.00 ? 15 DC  B "H4'"  1 
ATOM   450 H "H3'"  . DC  B 2 2  ? 3.786   13.057  -12.139 1.00 0.00 ? 15 DC  B "H3'"  1 
ATOM   451 H "H2'"  . DC  B 2 2  ? 3.581   13.063  -9.848  1.00 0.00 ? 15 DC  B "H2'"  1 
ATOM   452 H "H2''" . DC  B 2 2  ? 4.971   11.949  -9.865  1.00 0.00 ? 15 DC  B "H2''" 1 
ATOM   453 H "H1'"  . DC  B 2 2  ? 6.548   13.707  -9.630  1.00 0.00 ? 15 DC  B "H1'"  1 
ATOM   454 H H41    . DC  B 2 2  ? 5.366   14.915  -3.635  1.00 0.00 ? 15 DC  B H41    1 
ATOM   455 H H42    . DC  B 2 2  ? 3.679   15.400  -3.886  1.00 0.00 ? 15 DC  B H42    1 
ATOM   456 H H5     . DC  B 2 2  ? 2.715   15.441  -6.135  1.00 0.00 ? 15 DC  B H5     1 
ATOM   457 H H6     . DC  B 2 2  ? 3.175   14.935  -8.498  1.00 0.00 ? 15 DC  B H6     1 
ATOM   458 P P      . DC  B 2 3  ? 5.666   10.859  -12.498 1.00 0.00 ? 16 DC  B P      1 
ATOM   459 O OP1    . DC  B 2 3  ? 6.485   10.508  -13.676 1.00 0.00 ? 16 DC  B OP1    1 
ATOM   460 O OP2    . DC  B 2 3  ? 4.245   10.453  -12.500 1.00 0.00 ? 16 DC  B OP2    1 
ATOM   461 O "O5'"  . DC  B 2 3  ? 6.369   10.248  -11.185 1.00 0.00 ? 16 DC  B "O5'"  1 
ATOM   462 C "C5'"  . DC  B 2 3  ? 7.771   10.375  -10.983 1.00 0.00 ? 16 DC  B "C5'"  1 
ATOM   463 C "C4'"  . DC  B 2 3  ? 8.241   9.700   -9.690  1.00 0.00 ? 16 DC  B "C4'"  1 
ATOM   464 O "O4'"  . DC  B 2 3  ? 7.825   10.453  -8.562  1.00 0.00 ? 16 DC  B "O4'"  1 
ATOM   465 C "C3'"  . DC  B 2 3  ? 7.753   8.251   -9.500  1.00 0.00 ? 16 DC  B "C3'"  1 
ATOM   466 O "O3'"  . DC  B 2 3  ? 8.852   7.359   -9.640  1.00 0.00 ? 16 DC  B "O3'"  1 
ATOM   467 C "C2'"  . DC  B 2 3  ? 7.158   8.273   -8.087  1.00 0.00 ? 16 DC  B "C2'"  1 
ATOM   468 C "C1'"  . DC  B 2 3  ? 7.720   9.555   -7.478  1.00 0.00 ? 16 DC  B "C1'"  1 
ATOM   469 N N1     . DC  B 2 3  ? 6.836   10.123  -6.425  1.00 0.00 ? 16 DC  B N1     1 
ATOM   470 C C2     . DC  B 2 3  ? 7.268   10.106  -5.094  1.00 0.00 ? 16 DC  B C2     1 
ATOM   471 O O2     . DC  B 2 3  ? 8.348   9.617   -4.756  1.00 0.00 ? 16 DC  B O2     1 
ATOM   472 N N3     . DC  B 2 3  ? 6.506   10.638  -4.113  1.00 0.00 ? 16 DC  B N3     1 
ATOM   473 C C4     . DC  B 2 3  ? 5.337   11.151  -4.436  1.00 0.00 ? 16 DC  B C4     1 
ATOM   474 N N4     . DC  B 2 3  ? 4.654   11.643  -3.448  1.00 0.00 ? 16 DC  B N4     1 
ATOM   475 C C5     . DC  B 2 3  ? 4.830   11.185  -5.762  1.00 0.00 ? 16 DC  B C5     1 
ATOM   476 C C6     . DC  B 2 3  ? 5.610   10.658  -6.739  1.00 0.00 ? 16 DC  B C6     1 
ATOM   477 H "H5'"  . DC  B 2 3  ? 8.046   11.431  -10.943 1.00 0.00 ? 16 DC  B "H5'"  1 
ATOM   478 H "H5''" . DC  B 2 3  ? 8.300   9.916   -11.819 1.00 0.00 ? 16 DC  B "H5''" 1 
ATOM   479 H "H4'"  . DC  B 2 3  ? 9.332   9.690   -9.698  1.00 0.00 ? 16 DC  B "H4'"  1 
ATOM   480 H "H3'"  . DC  B 2 3  ? 6.969   8.011   -10.222 1.00 0.00 ? 16 DC  B "H3'"  1 
ATOM   481 H "H2'"  . DC  B 2 3  ? 6.072   8.316   -8.164  1.00 0.00 ? 16 DC  B "H2'"  1 
ATOM   482 H "H2''" . DC  B 2 3  ? 7.446   7.411   -7.490  1.00 0.00 ? 16 DC  B "H2''" 1 
ATOM   483 H "H1'"  . DC  B 2 3  ? 8.719   9.349   -7.078  1.00 0.00 ? 16 DC  B "H1'"  1 
ATOM   484 H H41    . DC  B 2 3  ? 5.088   11.577  -2.533  1.00 0.00 ? 16 DC  B H41    1 
ATOM   485 H H42    . DC  B 2 3  ? 3.767   12.084  -3.602  1.00 0.00 ? 16 DC  B H42    1 
ATOM   486 H H5     . DC  B 2 3  ? 3.866   11.612  -5.997  1.00 0.00 ? 16 DC  B H5     1 
ATOM   487 H H6     . DC  B 2 3  ? 5.288   10.661  -7.775  1.00 0.00 ? 16 DC  B H6     1 
ATOM   488 P P      . DG  B 2 4  ? 8.696   5.756   -9.552  1.00 0.00 ? 17 DG  B P      1 
ATOM   489 O OP1    . DG  B 2 4  ? 9.807   5.146   -10.312 1.00 0.00 ? 17 DG  B OP1    1 
ATOM   490 O OP2    . DG  B 2 4  ? 7.315   5.376   -9.921  1.00 0.00 ? 17 DG  B OP2    1 
ATOM   491 O "O5'"  . DG  B 2 4  ? 8.915   5.440   -7.989  1.00 0.00 ? 17 DG  B "O5'"  1 
ATOM   492 C "C5'"  . DG  B 2 4  ? 10.156  5.730   -7.359  1.00 0.00 ? 17 DG  B "C5'"  1 
ATOM   493 C "C4'"  . DG  B 2 4  ? 10.201  5.315   -5.883  1.00 0.00 ? 17 DG  B "C4'"  1 
ATOM   494 O "O4'"  . DG  B 2 4  ? 9.453   6.235   -5.097  1.00 0.00 ? 17 DG  B "O4'"  1 
ATOM   495 C "C3'"  . DG  B 2 4  ? 9.674   3.893   -5.608  1.00 0.00 ? 17 DG  B "C3'"  1 
ATOM   496 O "O3'"  . DG  B 2 4  ? 10.636  3.195   -4.824  1.00 0.00 ? 17 DG  B "O3'"  1 
ATOM   497 C "C2'"  . DG  B 2 4  ? 8.367   4.182   -4.870  1.00 0.00 ? 17 DG  B "C2'"  1 
ATOM   498 C "C1'"  . DG  B 2 4  ? 8.696   5.493   -4.160  1.00 0.00 ? 17 DG  B "C1'"  1 
ATOM   499 N N9     . DG  B 2 4  ? 7.494   6.260   -3.770  1.00 0.00 ? 17 DG  B N9     1 
ATOM   500 C C8     . DG  B 2 4  ? 6.410   6.612   -4.536  1.00 0.00 ? 17 DG  B C8     1 
ATOM   501 N N7     . DG  B 2 4  ? 5.475   7.257   -3.886  1.00 0.00 ? 17 DG  B N7     1 
ATOM   502 C C5     . DG  B 2 4  ? 5.985   7.337   -2.580  1.00 0.00 ? 17 DG  B C5     1 
ATOM   503 C C6     . DG  B 2 4  ? 5.443   7.901   -1.371  1.00 0.00 ? 17 DG  B C6     1 
ATOM   504 O O6     . DG  B 2 4  ? 4.365   8.469   -1.189  1.00 0.00 ? 17 DG  B O6     1 
ATOM   505 N N1     . DG  B 2 4  ? 6.272   7.759   -0.275  1.00 0.00 ? 17 DG  B N1     1 
ATOM   506 C C2     . DG  B 2 4  ? 7.484   7.160   -0.322  1.00 0.00 ? 17 DG  B C2     1 
ATOM   507 N N2     . DG  B 2 4  ? 8.168   7.103   0.784   1.00 0.00 ? 17 DG  B N2     1 
ATOM   508 N N3     . DG  B 2 4  ? 8.030   6.628   -1.408  1.00 0.00 ? 17 DG  B N3     1 
ATOM   509 C C4     . DG  B 2 4  ? 7.228   6.742   -2.510  1.00 0.00 ? 17 DG  B C4     1 
ATOM   510 H "H5'"  . DG  B 2 4  ? 10.358  6.801   -7.420  1.00 0.00 ? 17 DG  B "H5'"  1 
ATOM   511 H "H5''" . DG  B 2 4  ? 10.956  5.204   -7.882  1.00 0.00 ? 17 DG  B "H5''" 1 
ATOM   512 H "H4'"  . DG  B 2 4  ? 11.242  5.366   -5.562  1.00 0.00 ? 17 DG  B "H4'"  1 
ATOM   513 H "H3'"  . DG  B 2 4  ? 9.477   3.356   -6.540  1.00 0.00 ? 17 DG  B "H3'"  1 
ATOM   514 H "H2'"  . DG  B 2 4  ? 7.575   4.326   -5.603  1.00 0.00 ? 17 DG  B "H2'"  1 
ATOM   515 H "H2''" . DG  B 2 4  ? 8.088   3.402   -4.163  1.00 0.00 ? 17 DG  B "H2''" 1 
ATOM   516 H "H1'"  . DG  B 2 4  ? 9.301   5.274   -3.274  1.00 0.00 ? 17 DG  B "H1'"  1 
ATOM   517 H H8     . DG  B 2 4  ? 6.353   6.369   -5.591  1.00 0.00 ? 17 DG  B H8     1 
ATOM   518 H H1     . DG  B 2 4  ? 5.939   8.126   0.604   1.00 0.00 ? 17 DG  B H1     1 
ATOM   519 H H21    . DG  B 2 4  ? 7.790   7.471   1.653   1.00 0.00 ? 17 DG  B H21    1 
ATOM   520 H H22    . DG  B 2 4  ? 9.076   6.674   0.738   1.00 0.00 ? 17 DG  B H22    1 
ATOM   521 P P      . DG  B 2 5  ? 10.437  1.677   -4.315  1.00 0.00 ? 18 DG  B P      1 
ATOM   522 O OP1    . DG  B 2 5  ? 11.776  1.069   -4.161  1.00 0.00 ? 18 DG  B OP1    1 
ATOM   523 O OP2    . DG  B 2 5  ? 9.456   0.983   -5.176  1.00 0.00 ? 18 DG  B OP2    1 
ATOM   524 O "O5'"  . DG  B 2 5  ? 9.798   1.876   -2.853  1.00 0.00 ? 18 DG  B "O5'"  1 
ATOM   525 C "C5'"  . DG  B 2 5  ? 10.566  2.460   -1.806  1.00 0.00 ? 18 DG  B "C5'"  1 
ATOM   526 C "C4'"  . DG  B 2 5  ? 9.805   2.555   -0.480  1.00 0.00 ? 18 DG  B "C4'"  1 
ATOM   527 O "O4'"  . DG  B 2 5  ? 8.774   3.520   -0.567  1.00 0.00 ? 18 DG  B "O4'"  1 
ATOM   528 C "C3'"  . DG  B 2 5  ? 9.166   1.243   -0.003  1.00 0.00 ? 18 DG  B "C3'"  1 
ATOM   529 O "O3'"  . DG  B 2 5  ? 10.027  0.592   0.926   1.00 0.00 ? 18 DG  B "O3'"  1 
ATOM   530 C "C2'"  . DG  B 2 5  ? 7.852   1.726   0.621   1.00 0.00 ? 18 DG  B "C2'"  1 
ATOM   531 C "C1'"  . DG  B 2 5  ? 7.883   3.249   0.493   1.00 0.00 ? 18 DG  B "C1'"  1 
ATOM   532 N N9     . DG  B 2 5  ? 6.546   3.800   0.190   1.00 0.00 ? 18 DG  B N9     1 
ATOM   533 C C8     . DG  B 2 5  ? 5.870   3.800   -1.005  1.00 0.00 ? 18 DG  B C8     1 
ATOM   534 N N7     . DG  B 2 5  ? 4.681   4.344   -0.950  1.00 0.00 ? 18 DG  B N7     1 
ATOM   535 C C5     . DG  B 2 5  ? 4.556   4.720   0.397   1.00 0.00 ? 18 DG  B C5     1 
ATOM   536 C C6     . DG  B 2 5  ? 3.482   5.348   1.123   1.00 0.00 ? 18 DG  B C6     1 
ATOM   537 O O6     . DG  B 2 5  ? 2.378   5.722   0.720   1.00 0.00 ? 18 DG  B O6     1 
ATOM   538 N N1     . DG  B 2 5  ? 3.763   5.536   2.462   1.00 0.00 ? 18 DG  B N1     1 
ATOM   539 C C2     . DG  B 2 5  ? 4.934   5.183   3.043   1.00 0.00 ? 18 DG  B C2     1 
ATOM   540 N N2     . DG  B 2 5  ? 5.071   5.415   4.316   1.00 0.00 ? 18 DG  B N2     1 
ATOM   541 N N3     . DG  B 2 5  ? 5.948   4.592   2.422   1.00 0.00 ? 18 DG  B N3     1 
ATOM   542 C C4     . DG  B 2 5  ? 5.698   4.389   1.095   1.00 0.00 ? 18 DG  B C4     1 
ATOM   543 H "H5'"  . DG  B 2 5  ? 10.879  3.464   -2.096  1.00 0.00 ? 18 DG  B "H5'"  1 
ATOM   544 H "H5''" . DG  B 2 5  ? 11.459  1.859   -1.638  1.00 0.00 ? 18 DG  B "H5''" 1 
ATOM   545 H "H4'"  . DG  B 2 5  ? 10.509  2.881   0.288   1.00 0.00 ? 18 DG  B "H4'"  1 
ATOM   546 H "H3'"  . DG  B 2 5  ? 8.949   0.600   -0.860  1.00 0.00 ? 18 DG  B "H3'"  1 
ATOM   547 H "H2'"  . DG  B 2 5  ? 7.014   1.310   0.062   1.00 0.00 ? 18 DG  B "H2'"  1 
ATOM   548 H "H2''" . DG  B 2 5  ? 7.773   1.455   1.670   1.00 0.00 ? 18 DG  B "H2''" 1 
ATOM   549 H "H1'"  . DG  B 2 5  ? 8.263   3.686   1.422   1.00 0.00 ? 18 DG  B "H1'"  1 
ATOM   550 H H8     . DG  B 2 5  ? 6.309   3.383   -1.904  1.00 0.00 ? 18 DG  B H8     1 
ATOM   551 H H1     . DG  B 2 5  ? 3.048   5.980   3.019   1.00 0.00 ? 18 DG  B H1     1 
ATOM   552 H H21    . DG  B 2 5  ? 4.316   5.851   4.839   1.00 0.00 ? 18 DG  B H21    1 
ATOM   553 H H22    . DG  B 2 5  ? 5.941   5.156   4.747   1.00 0.00 ? 18 DG  B H22    1 
ATOM   554 P P      . DT  B 2 6  ? 9.754   -0.904  1.468   1.00 0.00 ? 19 DT  B P      1 
ATOM   555 O OP1    . DT  B 2 6  ? 11.012  -1.416  2.052   1.00 0.00 ? 19 DT  B OP1    1 
ATOM   556 O OP2    . DT  B 2 6  ? 9.120   -1.699  0.396   1.00 0.00 ? 19 DT  B OP2    1 
ATOM   557 O "O5'"  . DT  B 2 6  ? 8.683   -0.717  2.648   1.00 0.00 ? 19 DT  B "O5'"  1 
ATOM   558 C "C5'"  . DT  B 2 6  ? 9.038   -0.085  3.871   1.00 0.00 ? 19 DT  B "C5'"  1 
ATOM   559 C "C4'"  . DT  B 2 6  ? 7.817   0.116   4.771   1.00 0.00 ? 19 DT  B "C4'"  1 
ATOM   560 O "O4'"  . DT  B 2 6  ? 6.949   1.062   4.176   1.00 0.00 ? 19 DT  B "O4'"  1 
ATOM   561 C "C3'"  . DT  B 2 6  ? 7.006   -1.161  5.035   1.00 0.00 ? 19 DT  B "C3'"  1 
ATOM   562 O "O3'"  . DT  B 2 6  ? 7.385   -1.734  6.283   1.00 0.00 ? 19 DT  B "O3'"  1 
ATOM   563 C "C2'"  . DT  B 2 6  ? 5.559   -0.655  5.012   1.00 0.00 ? 19 DT  B "C2'"  1 
ATOM   564 C "C1'"  . DT  B 2 6  ? 5.650   0.834   4.675   1.00 0.00 ? 19 DT  B "C1'"  1 
ATOM   565 N N1     . DT  B 2 6  ? 4.640   1.222   3.659   1.00 0.00 ? 19 DT  B N1     1 
ATOM   566 C C2     . DT  B 2 6  ? 3.518   1.941   4.087   1.00 0.00 ? 19 DT  B C2     1 
ATOM   567 O O2     . DT  B 2 6  ? 3.327   2.292   5.251   1.00 0.00 ? 19 DT  B O2     1 
ATOM   568 N N3     . DT  B 2 6  ? 2.588   2.250   3.128   1.00 0.00 ? 19 DT  B N3     1 
ATOM   569 C C4     . DT  B 2 6  ? 2.630   1.879   1.807   1.00 0.00 ? 19 DT  B C4     1 
ATOM   570 O O4     . DT  B 2 6  ? 1.699   2.214   1.075   1.00 0.00 ? 19 DT  B O4     1 
ATOM   571 C C5     . DT  B 2 6  ? 3.813   1.112   1.424   1.00 0.00 ? 19 DT  B C5     1 
ATOM   572 C C7     . DT  B 2 6  ? 3.972   0.639   -0.010  1.00 0.00 ? 19 DT  B C7     1 
ATOM   573 C C6     . DT  B 2 6  ? 4.768   0.812   2.345   1.00 0.00 ? 19 DT  B C6     1 
ATOM   574 H "H5'"  . DT  B 2 6  ? 9.478   0.892   3.668   1.00 0.00 ? 19 DT  B "H5'"  1 
ATOM   575 H "H5''" . DT  B 2 6  ? 9.769   -0.695  4.402   1.00 0.00 ? 19 DT  B "H5''" 1 
ATOM   576 H "H4'"  . DT  B 2 6  ? 8.152   0.511   5.732   1.00 0.00 ? 19 DT  B "H4'"  1 
ATOM   577 H "H3'"  . DT  B 2 6  ? 7.157   -1.872  4.220   1.00 0.00 ? 19 DT  B "H3'"  1 
ATOM   578 H "H2'"  . DT  B 2 6  ? 4.992   -1.203  4.260   1.00 0.00 ? 19 DT  B "H2'"  1 
ATOM   579 H "H2''" . DT  B 2 6  ? 5.074   -0.757  5.979   1.00 0.00 ? 19 DT  B "H2''" 1 
ATOM   580 H "H1'"  . DT  B 2 6  ? 5.517   1.413   5.594   1.00 0.00 ? 19 DT  B "H1'"  1 
ATOM   581 H H3     . DT  B 2 6  ? 1.777   2.761   3.440   1.00 0.00 ? 19 DT  B H3     1 
ATOM   582 H H71    . DT  B 2 6  ? 4.846   -0.001  -0.120  1.00 0.00 ? 19 DT  B H71    1 
ATOM   583 H H72    . DT  B 2 6  ? 3.086   0.076   -0.302  1.00 0.00 ? 19 DT  B H72    1 
ATOM   584 H H73    . DT  B 2 6  ? 4.072   1.501   -0.666  1.00 0.00 ? 19 DT  B H73    1 
ATOM   585 H H6     . DT  B 2 6  ? 5.643   0.239   2.062   1.00 0.00 ? 19 DT  B H6     1 
ATOM   586 P P      . DA  B 2 7  ? 6.752   -3.113  6.834   1.00 0.00 ? 20 DA  B P      1 
ATOM   587 O OP1    . DA  B 2 7  ? 7.672   -3.666  7.851   1.00 0.00 ? 20 DA  B OP1    1 
ATOM   588 O OP2    . DA  B 2 7  ? 6.398   -3.971  5.685   1.00 0.00 ? 20 DA  B OP2    1 
ATOM   589 O "O5'"  . DA  B 2 7  ? 5.394   -2.655  7.571   1.00 0.00 ? 20 DA  B "O5'"  1 
ATOM   590 C "C5'"  . DA  B 2 7  ? 5.433   -1.787  8.699   1.00 0.00 ? 20 DA  B "C5'"  1 
ATOM   591 C "C4'"  . DA  B 2 7  ? 4.038   -1.448  9.240   1.00 0.00 ? 20 DA  B "C4'"  1 
ATOM   592 O "O4'"  . DA  B 2 7  ? 3.360   -0.582  8.332   1.00 0.00 ? 20 DA  B "O4'"  1 
ATOM   593 C "C3'"  . DA  B 2 7  ? 3.151   -2.682  9.499   1.00 0.00 ? 20 DA  B "C3'"  1 
ATOM   594 O "O3'"  . DA  B 2 7  ? 2.651   -2.653  10.835  1.00 0.00 ? 20 DA  B "O3'"  1 
ATOM   595 C "C2'"  . DA  B 2 7  ? 2.048   -2.502  8.459   1.00 0.00 ? 20 DA  B "C2'"  1 
ATOM   596 C "C1'"  . DA  B 2 7  ? 2.007   -0.990  8.268   1.00 0.00 ? 20 DA  B "C1'"  1 
ATOM   597 N N9     . DA  B 2 7  ? 1.411   -0.624  6.965   1.00 0.00 ? 20 DA  B N9     1 
ATOM   598 C C8     . DA  B 2 7  ? 1.825   -0.988  5.705   1.00 0.00 ? 20 DA  B C8     1 
ATOM   599 N N7     . DA  B 2 7  ? 1.032   -0.596  4.739   1.00 0.00 ? 20 DA  B N7     1 
ATOM   600 C C5     . DA  B 2 7  ? 0.010   0.077   5.432   1.00 0.00 ? 20 DA  B C5     1 
ATOM   601 C C6     . DA  B 2 7  ? -1.193  0.730   5.066   1.00 0.00 ? 20 DA  B C6     1 
ATOM   602 N N6     . DA  B 2 7  ? -1.666  0.839   3.841   1.00 0.00 ? 20 DA  B N6     1 
ATOM   603 N N1     . DA  B 2 7  ? -1.983  1.298   5.975   1.00 0.00 ? 20 DA  B N1     1 
ATOM   604 C C2     . DA  B 2 7  ? -1.614  1.233   7.246   1.00 0.00 ? 20 DA  B C2     1 
ATOM   605 N N3     . DA  B 2 7  ? -0.530  0.651   7.751   1.00 0.00 ? 20 DA  B N3     1 
ATOM   606 C C4     . DA  B 2 7  ? 0.245   0.083   6.782   1.00 0.00 ? 20 DA  B C4     1 
ATOM   607 H "H5'"  . DA  B 2 7  ? 5.934   -0.854  8.431   1.00 0.00 ? 20 DA  B "H5'"  1 
ATOM   608 H "H5''" . DA  B 2 7  ? 6.006   -2.261  9.498   1.00 0.00 ? 20 DA  B "H5''" 1 
ATOM   609 H "H4'"  . DA  B 2 7  ? 4.169   -0.919  10.185  1.00 0.00 ? 20 DA  B "H4'"  1 
ATOM   610 H "H3'"  . DA  B 2 7  ? 3.707   -3.604  9.312   1.00 0.00 ? 20 DA  B "H3'"  1 
ATOM   611 H "H2'"  . DA  B 2 7  ? 2.333   -3.004  7.535   1.00 0.00 ? 20 DA  B "H2'"  1 
ATOM   612 H "H2''" . DA  B 2 7  ? 1.086   -2.867  8.799   1.00 0.00 ? 20 DA  B "H2''" 1 
ATOM   613 H "H1'"  . DA  B 2 7  ? 1.434   -0.538  9.085   1.00 0.00 ? 20 DA  B "H1'"  1 
ATOM   614 H H8     . DA  B 2 7  ? 2.735   -1.557  5.548   1.00 0.00 ? 20 DA  B H8     1 
ATOM   615 H H61    . DA  B 2 7  ? -2.537  1.330   3.728   1.00 0.00 ? 20 DA  B H61    1 
ATOM   616 H H62    . DA  B 2 7  ? -1.172  0.403   3.078   1.00 0.00 ? 20 DA  B H62    1 
ATOM   617 H H2     . DA  B 2 7  ? -2.277  1.705   7.959   1.00 0.00 ? 20 DA  B H2     1 
ATOM   618 P P      . DC  B 2 8  ? 1.866   -3.901  11.504  1.00 0.00 ? 21 DC  B P      1 
ATOM   619 O OP1    . DC  B 2 8  ? 1.867   -3.709  12.971  1.00 0.00 ? 21 DC  B OP1    1 
ATOM   620 O OP2    . DC  B 2 8  ? 2.427   -5.161  10.975  1.00 0.00 ? 21 DC  B OP2    1 
ATOM   621 O "O5'"  . DC  B 2 8  ? 0.353   -3.764  10.979  1.00 0.00 ? 21 DC  B "O5'"  1 
ATOM   622 C "C5'"  . DC  B 2 8  ? -0.451  -2.655  11.357  1.00 0.00 ? 21 DC  B "C5'"  1 
ATOM   623 C "C4'"  . DC  B 2 8  ? -1.758  -2.576  10.560  1.00 0.00 ? 21 DC  B "C4'"  1 
ATOM   624 O "O4'"  . DC  B 2 8  ? -1.453  -2.249  9.217   1.00 0.00 ? 21 DC  B "O4'"  1 
ATOM   625 C "C3'"  . DC  B 2 8  ? -2.620  -3.851  10.552  1.00 0.00 ? 21 DC  B "C3'"  1 
ATOM   626 O "O3'"  . DC  B 2 8  ? -3.722  -3.697  11.442  1.00 0.00 ? 21 DC  B "O3'"  1 
ATOM   627 C "C2'"  . DC  B 2 8  ? -3.049  -3.964  9.084   1.00 0.00 ? 21 DC  B "C2'"  1 
ATOM   628 C "C1'"  . DC  B 2 8  ? -2.522  -2.696  8.418   1.00 0.00 ? 21 DC  B "C1'"  1 
ATOM   629 N N1     . DC  B 2 8  ? -2.036  -2.943  7.035   1.00 0.00 ? 21 DC  B N1     1 
ATOM   630 C C2     . DC  B 2 8  ? -2.741  -2.394  5.963   1.00 0.00 ? 21 DC  B C2     1 
ATOM   631 O O2     . DC  B 2 8  ? -3.781  -1.756  6.122   1.00 0.00 ? 21 DC  B O2     1 
ATOM   632 N N3     . DC  B 2 8  ? -2.302  -2.550  4.695   1.00 0.00 ? 21 DC  B N3     1 
ATOM   633 C C4     . DC  B 2 8  ? -1.208  -3.251  4.490   1.00 0.00 ? 21 DC  B C4     1 
ATOM   634 N N4     . DC  B 2 8  ? -0.842  -3.368  3.249   1.00 0.00 ? 21 DC  B N4     1 
ATOM   635 C C5     . DC  B 2 8  ? -0.471  -3.878  5.530   1.00 0.00 ? 21 DC  B C5     1 
ATOM   636 C C6     . DC  B 2 8  ? -0.917  -3.704  6.799   1.00 0.00 ? 21 DC  B C6     1 
ATOM   637 H "H5'"  . DC  B 2 8  ? 0.100   -1.729  11.179  1.00 0.00 ? 21 DC  B "H5'"  1 
ATOM   638 H "H5''" . DC  B 2 8  ? -0.685  -2.718  12.420  1.00 0.00 ? 21 DC  B "H5''" 1 
ATOM   639 H "H4'"  . DC  B 2 8  ? -2.360  -1.765  10.975  1.00 0.00 ? 21 DC  B "H4'"  1 
ATOM   640 H "H3'"  . DC  B 2 8  ? -2.016  -4.719  10.826  1.00 0.00 ? 21 DC  B "H3'"  1 
ATOM   641 H "H2'"  . DC  B 2 8  ? -2.612  -4.861  8.645   1.00 0.00 ? 21 DC  B "H2'"  1 
ATOM   642 H "H2''" . DC  B 2 8  ? -4.127  -3.992  8.971   1.00 0.00 ? 21 DC  B "H2''" 1 
ATOM   643 H "H1'"  . DC  B 2 8  ? -3.315  -1.940  8.424   1.00 0.00 ? 21 DC  B "H1'"  1 
ATOM   644 H H41    . DC  B 2 8  ? -1.433  -2.917  2.560   1.00 0.00 ? 21 DC  B H41    1 
ATOM   645 H H42    . DC  B 2 8  ? -0.017  -3.890  3.010   1.00 0.00 ? 21 DC  B H42    1 
ATOM   646 H H5     . DC  B 2 8  ? 0.408   -4.473  5.338   1.00 0.00 ? 21 DC  B H5     1 
ATOM   647 H H6     . DC  B 2 8  ? -0.401  -4.159  7.637   1.00 0.00 ? 21 DC  B H6     1 
ATOM   648 P P      . DT  B 2 9  ? -4.772  -4.886  11.756  1.00 0.00 ? 22 DT  B P      1 
ATOM   649 O OP1    . DT  B 2 9  ? -5.464  -4.554  13.019  1.00 0.00 ? 22 DT  B OP1    1 
ATOM   650 O OP2    . DT  B 2 9  ? -4.074  -6.186  11.674  1.00 0.00 ? 22 DT  B OP2    1 
ATOM   651 O "O5'"  . DT  B 2 9  ? -5.841  -4.815  10.557  1.00 0.00 ? 22 DT  B "O5'"  1 
ATOM   652 C "C5'"  . DT  B 2 9  ? -6.712  -3.700  10.407  1.00 0.00 ? 22 DT  B "C5'"  1 
ATOM   653 C "C4'"  . DT  B 2 9  ? -7.473  -3.748  9.077   1.00 0.00 ? 22 DT  B "C4'"  1 
ATOM   654 O "O4'"  . DT  B 2 9  ? -6.551  -3.560  8.016   1.00 0.00 ? 22 DT  B "O4'"  1 
ATOM   655 C "C3'"  . DT  B 2 9  ? -8.229  -5.061  8.820   1.00 0.00 ? 22 DT  B "C3'"  1 
ATOM   656 O "O3'"  . DT  B 2 9  ? -9.622  -4.916  9.091   1.00 0.00 ? 22 DT  B "O3'"  1 
ATOM   657 C "C2'"  . DT  B 2 9  ? -7.942  -5.343  7.343   1.00 0.00 ? 22 DT  B "C2'"  1 
ATOM   658 C "C1'"  . DT  B 2 9  ? -7.087  -4.169  6.864   1.00 0.00 ? 22 DT  B "C1'"  1 
ATOM   659 N N1     . DT  B 2 9  ? -5.988  -4.615  5.965   1.00 0.00 ? 22 DT  B N1     1 
ATOM   660 C C2     . DT  B 2 9  ? -6.076  -4.275  4.611   1.00 0.00 ? 22 DT  B C2     1 
ATOM   661 O O2     . DT  B 2 9  ? -6.993  -3.616  4.121   1.00 0.00 ? 22 DT  B O2     1 
ATOM   662 N N3     . DT  B 2 9  ? -5.077  -4.742  3.796   1.00 0.00 ? 22 DT  B N3     1 
ATOM   663 C C4     . DT  B 2 9  ? -4.027  -5.543  4.170   1.00 0.00 ? 22 DT  B C4     1 
ATOM   664 O O4     . DT  B 2 9  ? -3.223  -5.896  3.308   1.00 0.00 ? 22 DT  B O4     1 
ATOM   665 C C5     . DT  B 2 9  ? -4.006  -5.891  5.589   1.00 0.00 ? 22 DT  B C5     1 
ATOM   666 C C7     . DT  B 2 9  ? -2.922  -6.810  6.124   1.00 0.00 ? 22 DT  B C7     1 
ATOM   667 C C6     . DT  B 2 9  ? -4.965  -5.419  6.431   1.00 0.00 ? 22 DT  B C6     1 
ATOM   668 H "H5'"  . DT  B 2 9  ? -6.133  -2.775  10.435  1.00 0.00 ? 22 DT  B "H5'"  1 
ATOM   669 H "H5''" . DT  B 2 9  ? -7.431  -3.686  11.227  1.00 0.00 ? 22 DT  B "H5''" 1 
ATOM   670 H "H4'"  . DT  B 2 9  ? -8.195  -2.928  9.054   1.00 0.00 ? 22 DT  B "H4'"  1 
ATOM   671 H "H3'"  . DT  B 2 9  ? -7.796  -5.859  9.425   1.00 0.00 ? 22 DT  B "H3'"  1 
ATOM   672 H "H2'"  . DT  B 2 9  ? -7.413  -6.291  7.261   1.00 0.00 ? 22 DT  B "H2'"  1 
ATOM   673 H "H2''" . DT  B 2 9  ? -8.849  -5.377  6.745   1.00 0.00 ? 22 DT  B "H2''" 1 
ATOM   674 H "H1'"  . DT  B 2 9  ? -7.739  -3.452  6.355   1.00 0.00 ? 22 DT  B "H1'"  1 
ATOM   675 H H3     . DT  B 2 9  ? -5.166  -4.533  2.814   1.00 0.00 ? 22 DT  B H3     1 
ATOM   676 H H71    . DT  B 2 9  ? -3.205  -7.228  7.090   1.00 0.00 ? 22 DT  B H71    1 
ATOM   677 H H72    . DT  B 2 9  ? -2.764  -7.630  5.424   1.00 0.00 ? 22 DT  B H72    1 
ATOM   678 H H73    . DT  B 2 9  ? -1.993  -6.257  6.229   1.00 0.00 ? 22 DT  B H73    1 
ATOM   679 H H6     . DT  B 2 9  ? -4.952  -5.689  7.482   1.00 0.00 ? 22 DT  B H6     1 
ATOM   680 P P      . DT  B 2 10 ? -10.638 -6.172  9.077   1.00 0.00 ? 23 DT  B P      1 
ATOM   681 O OP1    . DT  B 2 10 ? -11.865 -5.783  9.805   1.00 0.00 ? 23 DT  B OP1    1 
ATOM   682 O OP2    . DT  B 2 10 ? -9.916  -7.374  9.543   1.00 0.00 ? 23 DT  B OP2    1 
ATOM   683 O "O5'"  . DT  B 2 10 ? -11.011 -6.385  7.527   1.00 0.00 ? 23 DT  B "O5'"  1 
ATOM   684 C "C5'"  . DT  B 2 10 ? -11.839 -5.468  6.818   1.00 0.00 ? 23 DT  B "C5'"  1 
ATOM   685 C "C4'"  . DT  B 2 10 ? -11.978 -5.868  5.343   1.00 0.00 ? 23 DT  B "C4'"  1 
ATOM   686 O "O4'"  . DT  B 2 10 ? -10.725 -5.701  4.694   1.00 0.00 ? 23 DT  B "O4'"  1 
ATOM   687 C "C3'"  . DT  B 2 10 ? -12.441 -7.322  5.142   1.00 0.00 ? 23 DT  B "C3'"  1 
ATOM   688 O "O3'"  . DT  B 2 10 ? -13.779 -7.371  4.664   1.00 0.00 ? 23 DT  B "O3'"  1 
ATOM   689 C "C2'"  . DT  B 2 10 ? -11.435 -7.878  4.137   1.00 0.00 ? 23 DT  B "C2'"  1 
ATOM   690 C "C1'"  . DT  B 2 10 ? -10.626 -6.667  3.668   1.00 0.00 ? 23 DT  B "C1'"  1 
ATOM   691 N N1     . DT  B 2 10 ? -9.200  -7.024  3.441   1.00 0.00 ? 23 DT  B N1     1 
ATOM   692 C C2     . DT  B 2 10 ? -8.705  -6.985  2.133   1.00 0.00 ? 23 DT  B C2     1 
ATOM   693 O O2     . DT  B 2 10 ? -9.350  -6.592  1.161   1.00 0.00 ? 23 DT  B O2     1 
ATOM   694 N N3     . DT  B 2 10 ? -7.422  -7.442  1.949   1.00 0.00 ? 23 DT  B N3     1 
ATOM   695 C C4     . DT  B 2 10 ? -6.602  -7.974  2.914   1.00 0.00 ? 23 DT  B C4     1 
ATOM   696 O O4     . DT  B 2 10 ? -5.482  -8.361  2.586   1.00 0.00 ? 23 DT  B O4     1 
ATOM   697 C C5     . DT  B 2 10 ? -7.189  -8.020  4.251   1.00 0.00 ? 23 DT  B C5     1 
ATOM   698 C C7     . DT  B 2 10 ? -6.444  -8.667  5.404   1.00 0.00 ? 23 DT  B C7     1 
ATOM   699 C C6     . DT  B 2 10 ? -8.435  -7.529  4.474   1.00 0.00 ? 23 DT  B C6     1 
ATOM   700 H "H5'"  . DT  B 2 10 ? -11.417 -4.463  6.871   1.00 0.00 ? 23 DT  B "H5'"  1 
ATOM   701 H "H5''" . DT  B 2 10 ? -12.834 -5.452  7.266   1.00 0.00 ? 23 DT  B "H5''" 1 
ATOM   702 H "H4'"  . DT  B 2 10 ? -12.706 -5.206  4.867   1.00 0.00 ? 23 DT  B "H4'"  1 
ATOM   703 H "H3'"  . DT  B 2 10 ? -12.352 -7.873  6.080   1.00 0.00 ? 23 DT  B "H3'"  1 
ATOM   704 H "H2'"  . DT  B 2 10 ? -10.813 -8.614  4.644   1.00 0.00 ? 23 DT  B "H2'"  1 
ATOM   705 H "H2''" . DT  B 2 10 ? -11.910 -8.342  3.277   1.00 0.00 ? 23 DT  B "H2''" 1 
ATOM   706 H "H1'"  . DT  B 2 10 ? -11.085 -6.273  2.757   1.00 0.00 ? 23 DT  B "H1'"  1 
ATOM   707 H H3     . DT  B 2 10 ? -7.075  -7.458  1.002   1.00 0.00 ? 23 DT  B H3     1 
ATOM   708 H H71    . DT  B 2 10 ? -7.148  -9.152  6.080   1.00 0.00 ? 23 DT  B H71    1 
ATOM   709 H H72    . DT  B 2 10 ? -5.755  -9.423  5.025   1.00 0.00 ? 23 DT  B H72    1 
ATOM   710 H H73    . DT  B 2 10 ? -5.884  -7.917  5.952   1.00 0.00 ? 23 DT  B H73    1 
ATOM   711 H H6     . DT  B 2 10 ? -8.864  -7.568  5.469   1.00 0.00 ? 23 DT  B H6     1 
ATOM   712 P P      . DT  B 2 11 ? -14.595 -8.760  4.518   1.00 0.00 ? 24 DT  B P      1 
ATOM   713 O OP1    . DT  B 2 11 ? -16.036 -8.435  4.499   1.00 0.00 ? 24 DT  B OP1    1 
ATOM   714 O OP2    . DT  B 2 11 ? -14.116 -9.714  5.538   1.00 0.00 ? 24 DT  B OP2    1 
ATOM   715 O "O5'"  . DT  B 2 11 ? -14.187 -9.326  3.067   1.00 0.00 ? 24 DT  B "O5'"  1 
ATOM   716 C "C5'"  . DT  B 2 11 ? -14.535 -8.607  1.891   1.00 0.00 ? 24 DT  B "C5'"  1 
ATOM   717 C "C4'"  . DT  B 2 11 ? -14.009 -9.254  0.605   1.00 0.00 ? 24 DT  B "C4'"  1 
ATOM   718 O "O4'"  . DT  B 2 11 ? -12.590 -9.167  0.577   1.00 0.00 ? 24 DT  B "O4'"  1 
ATOM   719 C "C3'"  . DT  B 2 11 ? -14.414 -10.725 0.405   1.00 0.00 ? 24 DT  B "C3'"  1 
ATOM   720 O "O3'"  . DT  B 2 11 ? -14.911 -10.869 -0.922  1.00 0.00 ? 24 DT  B "O3'"  1 
ATOM   721 C "C2'"  . DT  B 2 11 ? -13.093 -11.459 0.634   1.00 0.00 ? 24 DT  B "C2'"  1 
ATOM   722 C "C1'"  . DT  B 2 11 ? -12.079 -10.416 0.159   1.00 0.00 ? 24 DT  B "C1'"  1 
ATOM   723 N N1     . DT  B 2 11 ? -10.706 -10.606 0.705   1.00 0.00 ? 24 DT  B N1     1 
ATOM   724 C C2     . DT  B 2 11 ? -9.643  -10.645 -0.206  1.00 0.00 ? 24 DT  B C2     1 
ATOM   725 O O2     . DT  B 2 11 ? -9.760  -10.463 -1.419  1.00 0.00 ? 24 DT  B O2     1 
ATOM   726 N N3     . DT  B 2 11 ? -8.399  -10.906 0.311   1.00 0.00 ? 24 DT  B N3     1 
ATOM   727 C C4     . DT  B 2 11 ? -8.099  -11.136 1.630   1.00 0.00 ? 24 DT  B C4     1 
ATOM   728 O O4     . DT  B 2 11 ? -6.932  -11.382 1.931   1.00 0.00 ? 24 DT  B O4     1 
ATOM   729 C C5     . DT  B 2 11 ? -9.239  -11.042 2.538   1.00 0.00 ? 24 DT  B C5     1 
ATOM   730 C C7     . DT  B 2 11 ? -9.054  -11.263 4.028   1.00 0.00 ? 24 DT  B C7     1 
ATOM   731 C C6     . DT  B 2 11 ? -10.483 -10.769 2.060   1.00 0.00 ? 24 DT  B C6     1 
ATOM   732 H "H5'"  . DT  B 2 11 ? -14.129 -7.596  1.950   1.00 0.00 ? 24 DT  B "H5'"  1 
ATOM   733 H "H5''" . DT  B 2 11 ? -15.621 -8.536  1.821   1.00 0.00 ? 24 DT  B "H5''" 1 
ATOM   734 H "H4'"  . DT  B 2 11 ? -14.410 -8.677  -0.230  1.00 0.00 ? 24 DT  B "H4'"  1 
ATOM   735 H "H3'"  . DT  B 2 11 ? -15.167 -11.029 1.137   1.00 0.00 ? 24 DT  B "H3'"  1 
ATOM   736 H "H2'"  . DT  B 2 11 ? -12.989 -11.676 1.696   1.00 0.00 ? 24 DT  B "H2'"  1 
ATOM   737 H "H2''" . DT  B 2 11 ? -13.011 -12.379 0.060   1.00 0.00 ? 24 DT  B "H2''" 1 
ATOM   738 H "H1'"  . DT  B 2 11 ? -12.063 -10.448 -0.934  1.00 0.00 ? 24 DT  B "H1'"  1 
ATOM   739 H H3     . DT  B 2 11 ? -7.645  -10.992 -0.353  1.00 0.00 ? 24 DT  B H3     1 
ATOM   740 H H71    . DT  B 2 11 ? -9.931  -11.755 4.448   1.00 0.00 ? 24 DT  B H71    1 
ATOM   741 H H72    . DT  B 2 11 ? -8.184  -11.898 4.203   1.00 0.00 ? 24 DT  B H72    1 
ATOM   742 H H73    . DT  B 2 11 ? -8.901  -10.311 4.529   1.00 0.00 ? 24 DT  B H73    1 
ATOM   743 H H6     . DT  B 2 11 ? -11.313 -10.684 2.750   1.00 0.00 ? 24 DT  B H6     1 
ATOM   744 P P      . DG  B 2 12 ? -15.501 -12.252 -1.497  1.00 0.00 ? 25 DG  B P      1 
ATOM   745 O OP1    . DG  B 2 12 ? -16.437 -11.922 -2.592  1.00 0.00 ? 25 DG  B OP1    1 
ATOM   746 O OP2    . DG  B 2 12 ? -16.007 -13.075 -0.377  1.00 0.00 ? 25 DG  B OP2    1 
ATOM   747 O "O5'"  . DG  B 2 12 ? -14.209 -12.977 -2.122  1.00 0.00 ? 25 DG  B "O5'"  1 
ATOM   748 C "C5'"  . DG  B 2 12 ? -13.581 -12.465 -3.291  1.00 0.00 ? 25 DG  B "C5'"  1 
ATOM   749 C "C4'"  . DG  B 2 12 ? -12.389 -13.318 -3.741  1.00 0.00 ? 25 DG  B "C4'"  1 
ATOM   750 O "O4'"  . DG  B 2 12 ? -11.291 -13.124 -2.863  1.00 0.00 ? 25 DG  B "O4'"  1 
ATOM   751 C "C3'"  . DG  B 2 12 ? -12.680 -14.831 -3.807  1.00 0.00 ? 25 DG  B "C3'"  1 
ATOM   752 O "O3'"  . DG  B 2 12 ? -12.478 -15.319 -5.129  1.00 0.00 ? 25 DG  B "O3'"  1 
ATOM   753 C "C2'"  . DG  B 2 12 ? -11.673 -15.418 -2.819  1.00 0.00 ? 25 DG  B "C2'"  1 
ATOM   754 C "C1'"  . DG  B 2 12 ? -10.591 -14.348 -2.806  1.00 0.00 ? 25 DG  B "C1'"  1 
ATOM   755 N N9     . DG  B 2 12 ? -9.769  -14.412 -1.585  1.00 0.00 ? 25 DG  B N9     1 
ATOM   756 C C8     . DG  B 2 12 ? -10.154 -14.257 -0.275  1.00 0.00 ? 25 DG  B C8     1 
ATOM   757 N N7     . DG  B 2 12 ? -9.178  -14.383 0.587   1.00 0.00 ? 25 DG  B N7     1 
ATOM   758 C C5     . DG  B 2 12 ? -8.066  -14.668 -0.222  1.00 0.00 ? 25 DG  B C5     1 
ATOM   759 C C6     . DG  B 2 12 ? -6.691  -14.947 0.099   1.00 0.00 ? 25 DG  B C6     1 
ATOM   760 O O6     . DG  B 2 12 ? -6.147  -14.994 1.202   1.00 0.00 ? 25 DG  B O6     1 
ATOM   761 N N1     . DG  B 2 12 ? -5.906  -15.202 -1.009  1.00 0.00 ? 25 DG  B N1     1 
ATOM   762 C C2     . DG  B 2 12 ? -6.373  -15.204 -2.280  1.00 0.00 ? 25 DG  B C2     1 
ATOM   763 N N2     . DG  B 2 12 ? -5.534  -15.498 -3.232  1.00 0.00 ? 25 DG  B N2     1 
ATOM   764 N N3     . DG  B 2 12 ? -7.628  -14.955 -2.629  1.00 0.00 ? 25 DG  B N3     1 
ATOM   765 C C4     . DG  B 2 12 ? -8.428  -14.693 -1.551  1.00 0.00 ? 25 DG  B C4     1 
ATOM   766 H "H5'"  . DG  B 2 12 ? -13.237 -11.446 -3.114  1.00 0.00 ? 25 DG  B "H5'"  1 
ATOM   767 H "H5''" . DG  B 2 12 ? -14.308 -12.443 -4.103  1.00 0.00 ? 25 DG  B "H5''" 1 
ATOM   768 H "H4'"  . DG  B 2 12 ? -12.091 -12.982 -4.735  1.00 0.00 ? 25 DG  B "H4'"  1 
ATOM   769 H "H3'"  . DG  B 2 12 ? -13.697 -15.043 -3.473  1.00 0.00 ? 25 DG  B "H3'"  1 
ATOM   770 H "H2'"  . DG  B 2 12 ? -12.143 -15.508 -1.839  1.00 0.00 ? 25 DG  B "H2'"  1 
ATOM   771 H "H2''" . DG  B 2 12 ? -11.268 -16.378 -3.132  1.00 0.00 ? 25 DG  B "H2''" 1 
ATOM   772 H "H1'"  . DG  B 2 12 ? -9.958  -14.465 -3.690  1.00 0.00 ? 25 DG  B "H1'"  1 
ATOM   773 H H8     . DG  B 2 12 ? -11.181 -14.041 -0.004  1.00 0.00 ? 25 DG  B H8     1 
ATOM   774 H H1     . DG  B 2 12 ? -4.931  -15.397 -0.840  1.00 0.00 ? 25 DG  B H1     1 
ATOM   775 H H21    . DG  B 2 12 ? -4.567  -15.730 -3.014  1.00 0.00 ? 25 DG  B H21    1 
ATOM   776 H H22    . DG  B 2 12 ? -5.892  -15.538 -4.171  1.00 0.00 ? 25 DG  B H22    1 
ATOM   777 P P      . DG  B 2 13 ? -12.875 -16.826 -5.548  1.00 0.00 ? 26 DG  B P      1 
ATOM   778 O OP1    . DG  B 2 13 ? -13.157 -16.827 -7.001  1.00 0.00 ? 26 DG  B OP1    1 
ATOM   779 O OP2    . DG  B 2 13 ? -13.931 -17.318 -4.642  1.00 0.00 ? 26 DG  B OP2    1 
ATOM   780 O "O5'"  . DG  B 2 13 ? -11.542 -17.689 -5.266  1.00 0.00 ? 26 DG  B "O5'"  1 
ATOM   781 C "C5'"  . DG  B 2 13 ? -10.478 -17.605 -6.180  1.00 0.00 ? 26 DG  B "C5'"  1 
ATOM   782 C "C4'"  . DG  B 2 13 ? -9.154  -18.290 -5.847  1.00 0.00 ? 26 DG  B "C4'"  1 
ATOM   783 O "O4'"  . DG  B 2 13 ? -8.582  -17.735 -4.676  1.00 0.00 ? 26 DG  B "O4'"  1 
ATOM   784 C "C3'"  . DG  B 2 13 ? -9.189  -19.822 -5.699  1.00 0.00 ? 26 DG  B "C3'"  1 
ATOM   785 O "O3'"  . DG  B 2 13 ? -8.340  -20.468 -6.645  1.00 0.00 ? 26 DG  B "O3'"  1 
ATOM   786 C "C2'"  . DG  B 2 13 ? -8.579  -20.043 -4.325  1.00 0.00 ? 26 DG  B "C2'"  1 
ATOM   787 C "C1'"  . DG  B 2 13 ? -7.795  -18.754 -4.101  1.00 0.00 ? 26 DG  B "C1'"  1 
ATOM   788 N N9     . DG  B 2 13 ? -7.611  -18.514 -2.662  1.00 0.00 ? 26 DG  B N9     1 
ATOM   789 C C8     . DG  B 2 13 ? -8.567  -18.218 -1.723  1.00 0.00 ? 26 DG  B C8     1 
ATOM   790 N N7     . DG  B 2 13 ? -8.116  -18.177 -0.497  1.00 0.00 ? 26 DG  B N7     1 
ATOM   791 C C5     . DG  B 2 13 ? -6.751  -18.472 -0.644  1.00 0.00 ? 26 DG  B C5     1 
ATOM   792 C C6     . DG  B 2 13 ? -5.693  -18.604 0.320   1.00 0.00 ? 26 DG  B C6     1 
ATOM   793 O O6     . DG  B 2 13 ? -5.741  -18.504 1.546   1.00 0.00 ? 26 DG  B O6     1 
ATOM   794 N N1     . DG  B 2 13 ? -4.467  -18.891 -0.245  1.00 0.00 ? 26 DG  B N1     1 
ATOM   795 C C2     . DG  B 2 13 ? -4.267  -19.058 -1.573  1.00 0.00 ? 26 DG  B C2     1 
ATOM   796 N N2     . DG  B 2 13 ? -3.056  -19.332 -1.971  1.00 0.00 ? 26 DG  B N2     1 
ATOM   797 N N3     . DG  B 2 13 ? -5.214  -18.980 -2.501  1.00 0.00 ? 26 DG  B N3     1 
ATOM   798 C C4     . DG  B 2 13 ? -6.437  -18.672 -1.971  1.00 0.00 ? 26 DG  B C4     1 
ATOM   799 H "H5'"  . DG  B 2 13 ? -10.268 -16.558 -6.337  1.00 0.00 ? 26 DG  B "H5'"  1 
ATOM   800 H "H5''" . DG  B 2 13 ? -10.835 -18.020 -7.107  1.00 0.00 ? 26 DG  B "H5''" 1 
ATOM   801 H "H4'"  . DG  B 2 13 ? -8.488  -18.062 -6.679  1.00 0.00 ? 26 DG  B "H4'"  1 
ATOM   802 H "H3'"  . DG  B 2 13 ? -10.210 -20.209 -5.727  1.00 0.00 ? 26 DG  B "H3'"  1 
ATOM   803 H "HO3'" . DG  B 2 13 ? -8.821  -20.600 -7.487  1.00 0.00 ? 26 DG  B "HO3'" 1 
ATOM   804 H "H2'"  . DG  B 2 13 ? -9.377  -20.146 -3.590  1.00 0.00 ? 26 DG  B "H2'"  1 
ATOM   805 H "H2''" . DG  B 2 13 ? -7.922  -20.913 -4.296  1.00 0.00 ? 26 DG  B "H2''" 1 
ATOM   806 H "H1'"  . DG  B 2 13 ? -6.826  -18.819 -4.606  1.00 0.00 ? 26 DG  B "H1'"  1 
ATOM   807 H H8     . DG  B 2 13 ? -9.600  -18.047 -2.006  1.00 0.00 ? 26 DG  B H8     1 
ATOM   808 H H1     . DG  B 2 13 ? -3.675  -18.959 0.375   1.00 0.00 ? 26 DG  B H1     1 
ATOM   809 H H21    . DG  B 2 13 ? -2.286  -19.379 -1.307  1.00 0.00 ? 26 DG  B H21    1 
ATOM   810 H H22    . DG  B 2 13 ? -2.906  -19.424 -2.961  1.00 0.00 ? 26 DG  B H22    1 
# 
